data_9Q1F
#
_entry.id   9Q1F
#
_cell.length_a   66.946
_cell.length_b   88.743
_cell.length_c   76.023
_cell.angle_alpha   90.000
_cell.angle_beta   94.143
_cell.angle_gamma   90.000
#
_symmetry.space_group_name_H-M   'P 1 21 1'
#
loop_
_entity.id
_entity.type
_entity.pdbx_description
1 polymer 'Endolysin,Stimulator of interferon genes'
2 non-polymer cGAMP
3 water water
#
_entity_poly.entity_id   1
_entity_poly.type   'polypeptide(L)'
_entity_poly.pdbx_seq_one_letter_code
;MNIFEMLRIDQGLRLKIYKDTEGYYTIGIGHLLTKSPSLNAAKSELDKAIGRNTNGVITKDEAEKLFNQDVDAAVRGILR
NAKLKPVYDSLDAVRRAALINMVFQMGETGVAGFTNSLRMLQQKRWDEAAVNLAKSRWYNQTPNRAKRVITTFRTGTWDA
YGSDPGMLDVGAASAQSIWSGYLEIILSNGAMDARKIRHQTQPCDCGTLGHPSPEFKNVYGANSIVLPVLFELAPLDGDV
PEGVATEAELAIHFPECESLKVHPELHVEPVTNDRAGVKGRSYGQHTVYSLLRSDSDDDARVFFPMEWATPISTVKSMNL
EDSMLRVQLKAFCARFDQLVSQSQNHSHEIKLVKGLSRGDVGRAIIDAVREEQNRLQAV
;
_entity_poly.pdbx_strand_id   A,B
#
loop_
_chem_comp.id
_chem_comp.type
_chem_comp.name
_chem_comp.formula
1SY non-polymer cGAMP 'C20 H24 N10 O13 P2'
#
# COMPACT_ATOMS: atom_id res chain seq x y z
N MET A 1 8.31 5.20 21.20
CA MET A 1 8.37 3.82 21.67
C MET A 1 9.44 3.66 22.74
N ASN A 2 10.07 2.48 22.74
CA ASN A 2 11.05 2.13 23.77
C ASN A 2 11.97 1.06 23.19
N ILE A 3 12.91 0.60 24.02
CA ILE A 3 13.86 -0.43 23.60
C ILE A 3 13.15 -1.75 23.33
N PHE A 4 12.04 -2.02 24.03
CA PHE A 4 11.33 -3.27 23.83
C PHE A 4 10.77 -3.39 22.41
N GLU A 5 10.09 -2.33 21.94
CA GLU A 5 9.58 -2.35 20.58
C GLU A 5 10.71 -2.39 19.55
N MET A 6 11.82 -1.72 19.85
CA MET A 6 12.98 -1.75 18.95
C MET A 6 13.45 -3.17 18.69
N LEU A 7 13.71 -3.94 19.76
CA LEU A 7 14.20 -5.30 19.61
C LEU A 7 13.11 -6.24 19.13
N ARG A 8 11.85 -5.97 19.51
CA ARG A 8 10.73 -6.77 19.01
C ARG A 8 10.66 -6.69 17.49
N ILE A 9 10.97 -5.52 16.92
CA ILE A 9 11.00 -5.37 15.47
C ILE A 9 12.23 -6.06 14.88
N ASP A 10 13.40 -5.82 15.49
CA ASP A 10 14.66 -6.29 14.89
C ASP A 10 14.85 -7.79 15.07
N GLN A 11 14.46 -8.33 16.23
CA GLN A 11 14.69 -9.75 16.53
C GLN A 11 13.42 -10.59 16.47
N GLY A 12 12.28 -10.03 16.80
CA GLY A 12 11.04 -10.79 16.88
C GLY A 12 10.76 -11.23 18.31
N LEU A 13 9.49 -11.55 18.56
CA LEU A 13 9.05 -11.96 19.88
C LEU A 13 8.21 -13.23 19.74
N ARG A 14 8.44 -14.18 20.63
CA ARG A 14 7.70 -15.43 20.66
C ARG A 14 7.12 -15.65 22.06
N LEU A 15 5.84 -15.98 22.11
CA LEU A 15 5.16 -16.27 23.36
C LEU A 15 5.08 -17.76 23.65
N LYS A 16 5.66 -18.59 22.79
CA LYS A 16 5.80 -20.02 23.00
C LYS A 16 7.28 -20.38 23.03
N ILE A 17 7.61 -21.43 23.78
CA ILE A 17 9.00 -21.87 23.87
C ILE A 17 9.46 -22.39 22.52
N TYR A 18 10.60 -21.90 22.05
CA TYR A 18 11.17 -22.33 20.78
C TYR A 18 12.65 -22.59 20.94
N LYS A 19 13.19 -23.36 19.99
CA LYS A 19 14.63 -23.58 19.89
C LYS A 19 15.25 -22.52 19.01
N ASP A 20 16.32 -21.89 19.48
CA ASP A 20 16.96 -20.82 18.74
C ASP A 20 17.92 -21.41 17.69
N THR A 21 18.79 -20.57 17.16
CA THR A 21 19.69 -20.98 16.08
C THR A 21 20.57 -22.16 16.51
N GLU A 22 21.02 -22.17 17.76
CA GLU A 22 21.87 -23.23 18.27
C GLU A 22 21.10 -24.38 18.90
N GLY A 23 19.76 -24.35 18.88
CA GLY A 23 19.00 -25.47 19.38
C GLY A 23 18.59 -25.36 20.83
N TYR A 24 18.82 -24.20 21.46
CA TYR A 24 18.50 -24.01 22.87
C TYR A 24 17.11 -23.44 23.05
N TYR A 25 16.41 -23.90 24.08
CA TYR A 25 15.05 -23.45 24.32
C TYR A 25 15.04 -21.98 24.70
N THR A 26 14.11 -21.23 24.10
CA THR A 26 14.08 -19.78 24.23
C THR A 26 12.64 -19.30 24.27
N ILE A 27 12.44 -18.13 24.87
CA ILE A 27 11.12 -17.53 25.03
C ILE A 27 11.26 -16.03 24.85
N GLY A 28 10.14 -15.36 24.56
CA GLY A 28 10.15 -13.92 24.46
C GLY A 28 11.06 -13.41 23.36
N ILE A 29 11.83 -12.36 23.69
CA ILE A 29 12.79 -11.78 22.76
C ILE A 29 14.17 -12.35 23.06
N GLY A 30 14.46 -13.53 22.50
CA GLY A 30 15.77 -14.15 22.64
C GLY A 30 16.21 -14.37 24.06
N HIS A 31 15.30 -14.83 24.94
CA HIS A 31 15.62 -15.09 26.33
C HIS A 31 15.91 -16.56 26.52
N LEU A 32 17.17 -16.89 26.80
CA LEU A 32 17.56 -18.27 27.01
C LEU A 32 16.98 -18.80 28.31
N LEU A 33 16.47 -20.03 28.26
CA LEU A 33 15.90 -20.71 29.42
C LEU A 33 16.88 -21.72 30.00
N THR A 34 17.40 -22.63 29.17
CA THR A 34 18.37 -23.62 29.61
C THR A 34 19.13 -24.11 28.40
N LYS A 35 20.35 -24.61 28.66
CA LYS A 35 21.11 -25.29 27.62
C LYS A 35 20.82 -26.77 27.59
N SER A 36 19.83 -27.22 28.35
CA SER A 36 19.43 -28.61 28.37
C SER A 36 18.54 -28.92 27.16
N PRO A 37 18.70 -30.10 26.56
CA PRO A 37 17.77 -30.54 25.52
C PRO A 37 16.46 -31.09 26.05
N SER A 38 16.22 -30.97 27.36
CA SER A 38 15.00 -31.47 27.99
C SER A 38 13.98 -30.34 28.00
N LEU A 39 12.88 -30.53 27.25
CA LEU A 39 11.81 -29.55 27.22
C LEU A 39 11.20 -29.31 28.60
N ASN A 40 11.13 -30.36 29.43
CA ASN A 40 10.58 -30.19 30.77
C ASN A 40 11.48 -29.30 31.64
N ALA A 41 12.80 -29.43 31.49
CA ALA A 41 13.71 -28.58 32.24
C ALA A 41 13.52 -27.12 31.87
N ALA A 42 13.34 -26.84 30.58
CA ALA A 42 13.08 -25.46 30.14
C ALA A 42 11.74 -24.95 30.65
N LYS A 43 10.71 -25.80 30.64
CA LYS A 43 9.40 -25.37 31.14
C LYS A 43 9.45 -25.06 32.63
N SER A 44 10.19 -25.87 33.40
CA SER A 44 10.34 -25.58 34.82
C SER A 44 11.15 -24.30 35.03
N GLU A 45 12.19 -24.09 34.23
CA GLU A 45 12.99 -22.86 34.35
C GLU A 45 12.15 -21.64 34.00
N LEU A 46 11.24 -21.77 33.04
CA LEU A 46 10.35 -20.67 32.70
C LEU A 46 9.40 -20.36 33.86
N ASP A 47 8.85 -21.41 34.48
CA ASP A 47 7.95 -21.22 35.62
C ASP A 47 8.62 -20.46 36.76
N LYS A 48 9.88 -20.81 37.08
CA LYS A 48 10.58 -20.10 38.15
C LYS A 48 10.79 -18.63 37.79
N ALA A 49 11.00 -18.33 36.51
CA ALA A 49 11.20 -16.96 36.08
C ALA A 49 9.94 -16.12 36.24
N ILE A 50 8.77 -16.72 35.99
CA ILE A 50 7.51 -16.00 36.02
C ILE A 50 6.73 -16.19 37.31
N GLY A 51 6.93 -17.28 38.03
CA GLY A 51 6.15 -17.53 39.22
C GLY A 51 4.74 -18.00 38.90
N ARG A 52 4.60 -18.81 37.85
CA ARG A 52 3.30 -19.24 37.37
C ARG A 52 3.44 -20.69 36.89
N ASN A 53 2.33 -21.26 36.46
CA ASN A 53 2.31 -22.56 35.77
C ASN A 53 1.96 -22.26 34.32
N THR A 54 2.99 -22.03 33.51
CA THR A 54 2.84 -21.53 32.15
C THR A 54 2.68 -22.64 31.11
N ASN A 55 3.45 -23.72 31.26
CA ASN A 55 3.52 -24.82 30.29
C ASN A 55 4.10 -24.38 28.95
N GLY A 56 4.88 -23.29 28.93
CA GLY A 56 5.51 -22.84 27.70
C GLY A 56 4.82 -21.73 26.95
N VAL A 57 3.66 -21.29 27.40
CA VAL A 57 2.93 -20.20 26.74
C VAL A 57 2.96 -19.01 27.68
N ILE A 58 3.40 -17.86 27.15
CA ILE A 58 3.66 -16.68 27.95
C ILE A 58 2.92 -15.50 27.33
N THR A 59 2.74 -14.45 28.13
CA THR A 59 2.02 -13.26 27.69
C THR A 59 3.01 -12.17 27.30
N LYS A 60 2.48 -11.08 26.76
CA LYS A 60 3.34 -9.96 26.37
C LYS A 60 4.00 -9.35 27.60
N ASP A 61 3.19 -8.98 28.61
CA ASP A 61 3.71 -8.33 29.79
C ASP A 61 4.70 -9.22 30.55
N GLU A 62 4.60 -10.53 30.38
CA GLU A 62 5.58 -11.43 30.93
C GLU A 62 6.87 -11.45 30.10
N ALA A 63 6.73 -11.46 28.77
CA ALA A 63 7.90 -11.40 27.91
C ALA A 63 8.64 -10.08 28.03
N GLU A 64 7.92 -8.99 28.36
CA GLU A 64 8.57 -7.71 28.57
C GLU A 64 9.22 -7.64 29.96
N LYS A 65 8.67 -8.36 30.93
CA LYS A 65 9.35 -8.49 32.21
C LYS A 65 10.67 -9.23 32.07
N LEU A 66 10.68 -10.30 31.25
CA LEU A 66 11.92 -11.01 30.97
C LEU A 66 12.88 -10.17 30.14
N PHE A 67 12.35 -9.36 29.21
CA PHE A 67 13.21 -8.56 28.35
C PHE A 67 13.99 -7.53 29.15
N ASN A 68 13.32 -6.83 30.07
CA ASN A 68 14.00 -5.82 30.88
C ASN A 68 15.04 -6.46 31.79
N GLN A 69 14.80 -7.70 32.24
CA GLN A 69 15.82 -8.43 33.00
C GLN A 69 17.07 -8.66 32.14
N ASP A 70 16.89 -8.96 30.85
CA ASP A 70 18.04 -9.06 29.96
C ASP A 70 18.67 -7.71 29.72
N VAL A 71 17.85 -6.65 29.64
CA VAL A 71 18.36 -5.31 29.39
C VAL A 71 19.26 -4.85 30.53
N ASP A 72 18.80 -5.02 31.78
CA ASP A 72 19.59 -4.58 32.92
C ASP A 72 20.86 -5.40 33.06
N ALA A 73 20.79 -6.71 32.84
CA ALA A 73 21.99 -7.53 32.87
C ALA A 73 22.96 -7.16 31.76
N ALA A 74 22.43 -6.82 30.58
CA ALA A 74 23.29 -6.40 29.48
C ALA A 74 23.94 -5.06 29.78
N VAL A 75 23.20 -4.13 30.38
CA VAL A 75 23.78 -2.86 30.79
C VAL A 75 24.83 -3.07 31.87
N ARG A 76 24.57 -4.00 32.80
CA ARG A 76 25.53 -4.28 33.87
C ARG A 76 26.85 -4.81 33.31
N GLY A 77 26.77 -5.77 32.38
CA GLY A 77 27.99 -6.25 31.75
C GLY A 77 28.72 -5.18 30.97
N ILE A 78 27.98 -4.27 30.35
CA ILE A 78 28.60 -3.16 29.64
C ILE A 78 29.36 -2.27 30.62
N LEU A 79 28.72 -1.90 31.73
CA LEU A 79 29.38 -1.08 32.73
C LEU A 79 30.60 -1.77 33.32
N ARG A 80 30.62 -3.11 33.31
CA ARG A 80 31.80 -3.84 33.74
C ARG A 80 32.86 -3.94 32.65
N ASN A 81 32.56 -3.46 31.45
CA ASN A 81 33.48 -3.57 30.32
C ASN A 81 34.16 -2.23 30.07
N ALA A 82 35.50 -2.25 30.06
CA ALA A 82 36.26 -1.02 29.93
C ALA A 82 36.22 -0.45 28.52
N LYS A 83 35.98 -1.29 27.51
CA LYS A 83 35.92 -0.82 26.14
C LYS A 83 34.57 -0.22 25.78
N LEU A 84 33.51 -0.61 26.50
CA LEU A 84 32.16 -0.12 26.22
C LEU A 84 31.62 0.87 27.23
N LYS A 85 32.21 0.96 28.43
CA LYS A 85 31.62 1.84 29.44
C LYS A 85 31.75 3.32 29.07
N PRO A 86 32.91 3.83 28.63
CA PRO A 86 32.96 5.27 28.29
C PRO A 86 31.99 5.66 27.20
N VAL A 87 31.85 4.85 26.14
CA VAL A 87 30.93 5.21 25.08
C VAL A 87 29.48 5.13 25.56
N TYR A 88 29.14 4.10 26.34
CA TYR A 88 27.77 3.95 26.83
C TYR A 88 27.37 5.12 27.73
N ASP A 89 28.27 5.54 28.62
CA ASP A 89 27.96 6.62 29.54
C ASP A 89 27.75 7.93 28.79
N SER A 90 28.50 8.16 27.71
CA SER A 90 28.39 9.41 26.96
C SER A 90 27.09 9.47 26.16
N LEU A 91 26.58 8.33 25.71
CA LEU A 91 25.42 8.31 24.83
C LEU A 91 24.15 8.69 25.59
N ASP A 92 23.14 9.14 24.83
CA ASP A 92 21.84 9.46 25.39
C ASP A 92 20.97 8.21 25.44
N ALA A 93 19.74 8.37 25.95
CA ALA A 93 18.87 7.23 26.22
C ALA A 93 18.59 6.43 24.95
N VAL A 94 18.27 7.11 23.85
CA VAL A 94 17.90 6.42 22.63
C VAL A 94 19.11 5.71 22.03
N ARG A 95 20.24 6.42 21.91
CA ARG A 95 21.43 5.80 21.33
C ARG A 95 21.98 4.69 22.21
N ARG A 96 21.71 4.73 23.51
CA ARG A 96 22.08 3.61 24.38
C ARG A 96 21.35 2.33 23.98
N ALA A 97 20.07 2.45 23.64
CA ALA A 97 19.31 1.27 23.20
C ALA A 97 19.90 0.70 21.93
N ALA A 98 20.42 1.55 21.04
CA ALA A 98 21.04 1.08 19.81
C ALA A 98 22.31 0.30 20.13
N LEU A 99 23.10 0.76 21.09
CA LEU A 99 24.29 0.01 21.51
C LEU A 99 23.89 -1.30 22.18
N ILE A 100 22.82 -1.26 22.99
CA ILE A 100 22.31 -2.48 23.62
C ILE A 100 21.82 -3.43 22.54
N ASN A 101 21.24 -2.90 21.46
CA ASN A 101 20.79 -3.73 20.35
C ASN A 101 21.95 -4.51 19.75
N MET A 102 23.10 -3.87 19.57
CA MET A 102 24.26 -4.57 19.03
C MET A 102 24.74 -5.67 19.97
N VAL A 103 24.71 -5.40 21.28
CA VAL A 103 25.12 -6.42 22.25
C VAL A 103 24.18 -7.61 22.22
N PHE A 104 22.88 -7.35 22.07
CA PHE A 104 21.91 -8.44 21.96
C PHE A 104 22.19 -9.30 20.73
N GLN A 105 22.68 -8.69 19.65
CA GLN A 105 22.90 -9.43 18.41
C GLN A 105 24.23 -10.18 18.42
N MET A 106 25.32 -9.52 18.77
CA MET A 106 26.65 -10.08 18.55
C MET A 106 27.49 -10.29 19.81
N GLY A 107 27.07 -9.79 20.96
CA GLY A 107 27.84 -9.95 22.18
C GLY A 107 28.79 -8.80 22.45
N GLU A 108 29.16 -8.68 23.72
CA GLU A 108 30.03 -7.58 24.16
C GLU A 108 31.38 -7.62 23.46
N THR A 109 31.97 -8.82 23.32
CA THR A 109 33.23 -8.93 22.61
C THR A 109 33.07 -8.55 21.14
N GLY A 110 31.94 -8.90 20.54
CA GLY A 110 31.69 -8.51 19.17
C GLY A 110 31.54 -7.01 19.03
N VAL A 111 30.72 -6.40 19.89
CA VAL A 111 30.53 -4.95 19.84
C VAL A 111 31.82 -4.22 20.17
N ALA A 112 32.66 -4.79 21.04
CA ALA A 112 33.93 -4.18 21.38
C ALA A 112 34.89 -4.12 20.20
N GLY A 113 34.68 -4.97 19.19
CA GLY A 113 35.55 -4.93 18.02
C GLY A 113 35.46 -3.62 17.25
N PHE A 114 34.34 -2.92 17.36
CA PHE A 114 34.12 -1.66 16.65
C PHE A 114 34.86 -0.52 17.34
N THR A 115 36.19 -0.62 17.35
CA THR A 115 37.01 0.37 18.03
C THR A 115 36.83 1.75 17.41
N ASN A 116 36.91 1.84 16.08
CA ASN A 116 36.82 3.13 15.42
C ASN A 116 35.42 3.72 15.52
N SER A 117 34.39 2.89 15.27
CA SER A 117 33.01 3.39 15.29
C SER A 117 32.58 3.84 16.68
N LEU A 118 33.02 3.13 17.73
CA LEU A 118 32.58 3.47 19.07
C LEU A 118 33.16 4.80 19.54
N ARG A 119 34.40 5.12 19.16
CA ARG A 119 34.98 6.39 19.58
C ARG A 119 34.29 7.57 18.91
N MET A 120 33.82 7.40 17.67
CA MET A 120 33.08 8.47 17.02
C MET A 120 31.76 8.74 17.73
N LEU A 121 31.11 7.69 18.22
CA LEU A 121 29.89 7.86 18.99
C LEU A 121 30.15 8.61 20.30
N GLN A 122 31.29 8.33 20.94
CA GLN A 122 31.56 8.95 22.25
C GLN A 122 31.75 10.46 22.12
N GLN A 123 32.45 10.91 21.08
CA GLN A 123 32.62 12.34 20.81
C GLN A 123 31.58 12.90 19.85
N LYS A 124 30.44 12.21 19.70
CA LYS A 124 29.24 12.73 19.04
C LYS A 124 29.43 12.99 17.54
N ARG A 125 30.28 12.23 16.87
CA ARG A 125 30.39 12.32 15.40
C ARG A 125 29.43 11.32 14.77
N TRP A 126 28.16 11.72 14.70
CA TRP A 126 27.09 10.82 14.28
C TRP A 126 27.23 10.43 12.82
N ASP A 127 27.29 11.43 11.93
CA ASP A 127 27.37 11.14 10.49
C ASP A 127 28.62 10.32 10.16
N GLU A 128 29.76 10.67 10.77
CA GLU A 128 30.98 9.92 10.51
C GLU A 128 30.88 8.49 11.01
N ALA A 129 30.29 8.29 12.19
CA ALA A 129 30.16 6.94 12.73
C ALA A 129 29.19 6.10 11.90
N ALA A 130 28.10 6.70 11.43
CA ALA A 130 27.13 5.96 10.64
C ALA A 130 27.73 5.47 9.33
N VAL A 131 28.68 6.22 8.76
CA VAL A 131 29.34 5.79 7.53
C VAL A 131 30.34 4.67 7.81
N ASN A 132 31.04 4.76 8.94
CA ASN A 132 32.03 3.73 9.29
C ASN A 132 31.36 2.42 9.66
N LEU A 133 30.24 2.48 10.38
CA LEU A 133 29.50 1.27 10.72
C LEU A 133 29.01 0.55 9.48
N ALA A 134 28.62 1.30 8.46
CA ALA A 134 28.12 0.70 7.21
C ALA A 134 29.22 0.02 6.41
N LYS A 135 30.47 0.10 6.86
CA LYS A 135 31.58 -0.55 6.19
C LYS A 135 31.92 -1.91 6.79
N SER A 136 31.25 -2.30 7.87
CA SER A 136 31.59 -3.53 8.58
C SER A 136 30.86 -4.73 7.99
N ARG A 137 31.28 -5.92 8.40
CA ARG A 137 30.60 -7.14 7.97
C ARG A 137 29.23 -7.29 8.61
N TRP A 138 29.04 -6.71 9.80
CA TRP A 138 27.73 -6.72 10.44
C TRP A 138 26.69 -6.12 9.51
N TYR A 139 27.06 -5.07 8.77
CA TYR A 139 26.14 -4.45 7.83
C TYR A 139 25.83 -5.38 6.66
N ASN A 140 26.87 -5.98 6.06
CA ASN A 140 26.65 -6.86 4.92
C ASN A 140 25.91 -8.14 5.30
N GLN A 141 26.14 -8.65 6.51
CA GLN A 141 25.49 -9.88 6.93
C GLN A 141 24.02 -9.67 7.25
N THR A 142 23.70 -8.58 7.96
CA THR A 142 22.34 -8.27 8.40
C THR A 142 22.06 -6.81 8.02
N PRO A 143 21.77 -6.54 6.75
CA PRO A 143 21.64 -5.14 6.32
C PRO A 143 20.38 -4.44 6.80
N ASN A 144 19.27 -5.15 6.94
CA ASN A 144 18.03 -4.46 7.35
C ASN A 144 18.09 -4.01 8.80
N ARG A 145 18.57 -4.88 9.69
CA ARG A 145 18.67 -4.51 11.10
C ARG A 145 19.81 -3.50 11.31
N ALA A 146 20.92 -3.68 10.60
CA ALA A 146 22.04 -2.75 10.74
C ALA A 146 21.67 -1.35 10.26
N LYS A 147 20.89 -1.25 9.17
CA LYS A 147 20.47 0.05 8.68
C LYS A 147 19.65 0.81 9.72
N ARG A 148 18.73 0.12 10.39
CA ARG A 148 17.89 0.79 11.38
C ARG A 148 18.68 1.17 12.63
N VAL A 149 19.61 0.31 13.06
CA VAL A 149 20.43 0.62 14.23
C VAL A 149 21.37 1.78 13.91
N ILE A 150 21.93 1.79 12.70
CA ILE A 150 22.80 2.89 12.29
C ILE A 150 22.03 4.21 12.22
N THR A 151 20.83 4.18 11.63
CA THR A 151 20.00 5.38 11.58
C THR A 151 19.66 5.88 12.98
N THR A 152 19.51 4.97 13.94
CA THR A 152 19.26 5.39 15.32
C THR A 152 20.48 6.08 15.91
N PHE A 153 21.68 5.59 15.59
CA PHE A 153 22.89 6.27 16.03
C PHE A 153 23.03 7.64 15.39
N ARG A 154 22.74 7.73 14.09
CA ARG A 154 22.94 8.99 13.38
C ARG A 154 21.99 10.07 13.88
N THR A 155 20.71 9.73 14.06
CA THR A 155 19.67 10.72 14.33
C THR A 155 19.25 10.79 15.79
N GLY A 156 19.50 9.74 16.57
CA GLY A 156 19.05 9.75 17.95
C GLY A 156 17.56 9.64 18.12
N THR A 157 16.85 9.21 17.08
CA THR A 157 15.40 9.09 17.09
C THR A 157 15.00 7.66 16.79
N TRP A 158 13.73 7.34 17.06
CA TRP A 158 13.15 6.04 16.73
C TRP A 158 12.54 6.01 15.34
N ASP A 159 12.87 6.98 14.48
CA ASP A 159 12.19 7.12 13.20
C ASP A 159 12.35 5.89 12.32
N ALA A 160 13.45 5.14 12.47
CA ALA A 160 13.71 3.98 11.64
C ALA A 160 12.79 2.80 11.94
N TYR A 161 12.12 2.79 13.10
CA TYR A 161 11.29 1.67 13.52
C TYR A 161 9.80 1.93 13.37
N GLY A 162 9.42 2.75 12.39
CA GLY A 162 8.01 2.96 12.05
C GLY A 162 7.14 3.41 13.21
N MET A 167 7.85 8.41 4.53
CA MET A 167 6.47 8.77 4.85
C MET A 167 5.49 7.89 4.10
N LEU A 168 5.86 7.48 2.89
CA LEU A 168 5.00 6.63 2.06
C LEU A 168 5.47 5.19 2.24
N ASP A 169 5.14 4.64 3.40
CA ASP A 169 5.46 3.26 3.72
C ASP A 169 4.46 2.33 3.07
N VAL A 170 4.94 1.12 2.71
CA VAL A 170 4.08 0.12 2.10
C VAL A 170 2.91 -0.21 3.03
N GLY A 171 3.19 -0.28 4.34
CA GLY A 171 2.13 -0.55 5.30
C GLY A 171 1.05 0.52 5.32
N ALA A 172 1.46 1.78 5.20
CA ALA A 172 0.49 2.88 5.19
C ALA A 172 -0.37 2.87 3.92
N ALA A 173 0.19 2.41 2.80
CA ALA A 173 -0.62 2.31 1.58
C ALA A 173 -1.70 1.24 1.73
N SER A 174 -1.37 0.14 2.39
CA SER A 174 -2.38 -0.89 2.65
C SER A 174 -3.38 -0.45 3.71
N ALA A 175 -2.94 0.33 4.70
CA ALA A 175 -3.86 0.88 5.68
C ALA A 175 -4.80 1.90 5.04
N GLN A 176 -4.27 2.70 4.10
CA GLN A 176 -5.14 3.56 3.31
C GLN A 176 -6.04 2.73 2.41
N SER A 177 -5.55 1.58 1.96
CA SER A 177 -6.34 0.72 1.09
C SER A 177 -7.62 0.25 1.78
N ILE A 178 -7.51 -0.24 3.01
CA ILE A 178 -8.69 -0.76 3.69
C ILE A 178 -9.63 0.35 4.12
N TRP A 179 -9.09 1.52 4.48
CA TRP A 179 -9.94 2.62 4.92
C TRP A 179 -10.67 3.27 3.75
N SER A 180 -9.94 3.75 2.74
CA SER A 180 -10.59 4.46 1.65
C SER A 180 -11.36 3.50 0.75
N GLY A 181 -10.83 2.31 0.53
CA GLY A 181 -11.43 1.36 -0.37
C GLY A 181 -12.44 0.40 0.23
N TYR A 182 -12.77 0.53 1.52
CA TYR A 182 -13.71 -0.42 2.10
C TYR A 182 -14.51 0.18 3.24
N LEU A 183 -13.83 0.49 4.35
CA LEU A 183 -14.52 0.94 5.55
C LEU A 183 -15.24 2.27 5.33
N GLU A 184 -14.57 3.24 4.70
CA GLU A 184 -15.20 4.52 4.43
C GLU A 184 -16.39 4.35 3.48
N ILE A 185 -16.29 3.43 2.53
CA ILE A 185 -17.38 3.19 1.58
C ILE A 185 -18.62 2.67 2.31
N ILE A 186 -18.42 1.69 3.19
CA ILE A 186 -19.55 1.07 3.89
C ILE A 186 -20.20 2.09 4.82
N LEU A 187 -19.40 2.85 5.54
CA LEU A 187 -19.93 3.82 6.50
C LEU A 187 -20.62 5.00 5.81
N SER A 188 -20.31 5.26 4.54
CA SER A 188 -20.98 6.34 3.82
C SER A 188 -22.48 6.13 3.69
N ASN A 189 -22.96 4.88 3.78
CA ASN A 189 -24.39 4.63 3.68
C ASN A 189 -25.10 5.09 4.95
N GLY A 190 -24.52 4.79 6.11
CA GLY A 190 -25.13 5.16 7.37
C GLY A 190 -24.23 4.74 8.52
N ALA A 191 -24.73 4.93 9.73
CA ALA A 191 -23.96 4.57 10.90
C ALA A 191 -23.91 3.05 11.05
N MET A 192 -22.92 2.59 11.83
CA MET A 192 -22.80 1.15 12.09
C MET A 192 -24.00 0.63 12.86
N ASP A 193 -24.51 1.43 13.81
CA ASP A 193 -25.67 1.02 14.59
C ASP A 193 -26.93 0.90 13.75
N ALA A 194 -26.98 1.54 12.59
CA ALA A 194 -28.15 1.47 11.73
C ALA A 194 -28.16 0.21 10.85
N ARG A 195 -27.10 -0.58 10.88
CA ARG A 195 -26.96 -1.70 9.96
C ARG A 195 -27.74 -2.92 10.46
N LYS A 196 -28.54 -3.50 9.56
CA LYS A 196 -29.45 -4.57 9.92
C LYS A 196 -28.75 -5.92 10.02
N ILE A 197 -29.31 -6.79 10.87
CA ILE A 197 -28.85 -8.16 11.05
C ILE A 197 -29.70 -9.07 10.18
N ARG A 198 -29.05 -10.03 9.52
CA ARG A 198 -29.72 -10.88 8.54
C ARG A 198 -29.49 -12.36 8.85
N HIS A 199 -30.46 -13.18 8.46
CA HIS A 199 -30.39 -14.62 8.62
C HIS A 199 -30.27 -15.28 7.24
N GLN A 200 -29.51 -16.38 7.18
CA GLN A 200 -29.21 -17.01 5.90
C GLN A 200 -30.47 -17.56 5.23
N THR A 201 -31.16 -18.48 5.91
CA THR A 201 -32.22 -19.27 5.29
C THR A 201 -33.62 -18.80 5.66
N GLN A 202 -33.75 -17.69 6.37
CA GLN A 202 -35.07 -17.20 6.77
C GLN A 202 -35.16 -15.69 6.66
N PRO A 203 -36.37 -15.14 6.69
CA PRO A 203 -36.51 -13.72 6.98
C PRO A 203 -36.73 -13.50 8.47
N CYS A 204 -35.87 -12.71 9.09
CA CYS A 204 -35.97 -12.42 10.50
C CYS A 204 -36.09 -10.91 10.67
N ASP A 205 -37.09 -10.49 11.43
CA ASP A 205 -37.12 -9.13 11.95
C ASP A 205 -36.10 -9.12 13.08
N CYS A 206 -34.83 -9.09 12.68
CA CYS A 206 -33.73 -9.21 13.62
C CYS A 206 -33.22 -7.87 14.11
N GLY A 207 -33.78 -6.77 13.60
CA GLY A 207 -33.34 -5.46 14.04
C GLY A 207 -32.03 -5.06 13.41
N THR A 208 -31.37 -4.11 14.06
CA THR A 208 -30.09 -3.59 13.61
C THR A 208 -29.06 -3.78 14.71
N LEU A 209 -27.81 -3.44 14.41
CA LEU A 209 -26.75 -3.57 15.41
C LEU A 209 -27.03 -2.67 16.60
N GLY A 210 -27.48 -1.44 16.35
CA GLY A 210 -27.80 -0.53 17.45
C GLY A 210 -29.02 -0.96 18.24
N HIS A 211 -30.05 -1.44 17.55
CA HIS A 211 -31.30 -1.88 18.20
C HIS A 211 -31.61 -3.29 17.75
N PRO A 212 -31.29 -4.30 18.57
CA PRO A 212 -31.68 -5.67 18.22
C PRO A 212 -33.16 -5.87 18.49
N SER A 213 -33.84 -6.48 17.52
CA SER A 213 -35.28 -6.65 17.60
C SER A 213 -35.63 -7.67 18.67
N PRO A 214 -36.88 -7.65 19.16
CA PRO A 214 -37.28 -8.66 20.15
C PRO A 214 -37.20 -10.08 19.65
N GLU A 215 -37.41 -10.31 18.35
CA GLU A 215 -37.25 -11.66 17.80
C GLU A 215 -35.81 -12.13 17.90
N PHE A 216 -34.85 -11.24 17.70
CA PHE A 216 -33.44 -11.65 17.81
C PHE A 216 -33.13 -12.09 19.23
N LYS A 217 -33.65 -11.34 20.21
CA LYS A 217 -33.46 -11.70 21.61
C LYS A 217 -34.29 -12.92 21.99
N ASN A 218 -35.29 -13.27 21.19
CA ASN A 218 -36.03 -14.51 21.41
C ASN A 218 -35.19 -15.72 21.07
N VAL A 219 -34.40 -15.64 20.00
CA VAL A 219 -33.60 -16.78 19.56
C VAL A 219 -32.29 -16.88 20.34
N TYR A 220 -31.63 -15.74 20.57
CA TYR A 220 -30.28 -15.76 21.13
C TYR A 220 -30.22 -15.33 22.60
N GLY A 221 -31.32 -14.91 23.20
CA GLY A 221 -31.32 -14.59 24.61
C GLY A 221 -31.89 -13.23 24.97
N ALA A 222 -32.72 -13.17 26.01
CA ALA A 222 -33.35 -11.92 26.43
C ALA A 222 -32.38 -10.96 27.10
N ASN A 223 -31.22 -11.44 27.54
CA ASN A 223 -30.17 -10.59 28.07
C ASN A 223 -29.01 -10.42 27.08
N SER A 224 -29.19 -10.89 25.85
CA SER A 224 -28.19 -10.71 24.81
C SER A 224 -28.06 -9.23 24.45
N ILE A 225 -26.83 -8.79 24.20
CA ILE A 225 -26.56 -7.44 23.75
C ILE A 225 -25.70 -7.53 22.50
N VAL A 226 -25.90 -6.59 21.59
CA VAL A 226 -25.14 -6.51 20.34
C VAL A 226 -24.36 -5.20 20.31
N LEU A 227 -23.10 -5.29 19.90
CA LEU A 227 -22.27 -4.10 19.83
C LEU A 227 -22.21 -3.63 18.38
N PRO A 228 -22.49 -2.36 18.11
CA PRO A 228 -22.37 -1.85 16.74
C PRO A 228 -20.96 -1.35 16.45
N VAL A 229 -19.99 -2.26 16.54
CA VAL A 229 -18.58 -1.95 16.29
C VAL A 229 -17.98 -3.07 15.46
N LEU A 230 -17.29 -2.71 14.37
CA LEU A 230 -16.61 -3.68 13.54
C LEU A 230 -15.19 -3.86 14.08
N PHE A 231 -14.92 -5.05 14.59
CA PHE A 231 -13.60 -5.36 15.16
C PHE A 231 -12.69 -5.89 14.06
N GLU A 232 -11.60 -5.17 13.80
CA GLU A 232 -10.62 -5.52 12.79
C GLU A 232 -9.38 -6.07 13.49
N LEU A 233 -9.11 -7.35 13.28
CA LEU A 233 -8.04 -8.03 13.98
C LEU A 233 -6.73 -7.82 13.24
N ALA A 234 -5.68 -7.45 13.96
CA ALA A 234 -4.38 -7.15 13.37
C ALA A 234 -3.29 -7.94 14.10
N PRO A 235 -2.91 -9.11 13.59
CA PRO A 235 -1.74 -9.82 14.13
C PRO A 235 -0.47 -9.18 13.62
N LEU A 236 0.39 -8.74 14.54
CA LEU A 236 1.58 -7.99 14.16
C LEU A 236 2.68 -8.87 13.59
N ASP A 237 2.50 -10.19 13.53
CA ASP A 237 3.41 -11.08 12.81
C ASP A 237 2.84 -11.55 11.48
N GLY A 238 1.66 -11.08 11.11
CA GLY A 238 1.06 -11.45 9.84
C GLY A 238 0.38 -12.80 9.80
N ASP A 239 0.21 -13.46 10.94
CA ASP A 239 -0.41 -14.79 11.00
C ASP A 239 -1.92 -14.62 10.89
N VAL A 240 -2.42 -14.63 9.67
CA VAL A 240 -3.85 -14.54 9.38
C VAL A 240 -4.33 -15.90 8.92
N PRO A 241 -5.44 -16.42 9.42
CA PRO A 241 -5.93 -17.73 9.03
C PRO A 241 -6.58 -17.70 7.65
N GLU A 242 -6.38 -18.79 6.91
CA GLU A 242 -6.97 -18.93 5.60
C GLU A 242 -8.48 -19.15 5.71
N GLY A 243 -9.24 -18.52 4.82
CA GLY A 243 -10.67 -18.78 4.81
C GLY A 243 -11.41 -18.23 6.02
N VAL A 244 -12.58 -18.82 6.26
CA VAL A 244 -13.45 -18.47 7.37
C VAL A 244 -13.49 -19.65 8.33
N ALA A 245 -13.68 -19.35 9.61
CA ALA A 245 -13.60 -20.40 10.63
C ALA A 245 -14.93 -21.13 10.73
N THR A 246 -14.86 -22.45 10.80
CA THR A 246 -16.01 -23.26 11.16
C THR A 246 -16.11 -23.39 12.67
N GLU A 247 -17.23 -23.93 13.12
CA GLU A 247 -17.46 -24.12 14.55
C GLU A 247 -16.42 -25.05 15.15
N ALA A 248 -16.08 -26.11 14.42
CA ALA A 248 -15.05 -27.06 14.85
C ALA A 248 -13.66 -26.43 14.85
N GLU A 249 -13.34 -25.66 13.82
CA GLU A 249 -12.00 -25.09 13.63
C GLU A 249 -11.81 -23.78 14.39
N LEU A 250 -12.80 -23.37 15.20
CA LEU A 250 -12.76 -22.07 15.85
C LEU A 250 -11.51 -21.88 16.71
N ALA A 251 -11.07 -22.94 17.40
CA ALA A 251 -9.91 -22.81 18.28
C ALA A 251 -8.63 -22.57 17.49
N ILE A 252 -8.52 -23.14 16.28
CA ILE A 252 -7.34 -22.91 15.46
C ILE A 252 -7.25 -21.46 15.03
N HIS A 253 -8.38 -20.87 14.63
CA HIS A 253 -8.38 -19.48 14.17
C HIS A 253 -8.09 -18.51 15.31
N PHE A 254 -8.74 -18.72 16.46
CA PHE A 254 -8.67 -17.79 17.59
C PHE A 254 -8.15 -18.53 18.81
N PRO A 255 -6.83 -18.62 18.98
CA PRO A 255 -6.30 -19.30 20.18
C PRO A 255 -6.58 -18.48 21.44
N GLU A 256 -6.96 -19.18 22.50
CA GLU A 256 -7.10 -18.58 23.84
C GLU A 256 -8.03 -17.38 23.83
N CYS A 257 -9.08 -17.44 23.02
CA CYS A 257 -10.18 -16.47 23.09
C CYS A 257 -11.34 -17.19 23.77
N GLU A 258 -11.42 -17.03 25.09
CA GLU A 258 -12.25 -17.88 25.91
C GLU A 258 -13.73 -17.66 25.65
N SER A 259 -14.48 -18.75 25.54
CA SER A 259 -15.92 -18.82 25.29
C SER A 259 -16.35 -18.27 23.93
N LEU A 260 -15.43 -18.05 23.00
CA LEU A 260 -15.81 -17.50 21.70
C LEU A 260 -16.69 -18.48 20.94
N LYS A 261 -17.70 -17.94 20.26
CA LYS A 261 -18.55 -18.73 19.38
C LYS A 261 -18.78 -17.97 18.08
N VAL A 262 -19.08 -18.72 17.02
CA VAL A 262 -19.33 -18.16 15.70
C VAL A 262 -20.72 -18.58 15.24
N HIS A 263 -21.45 -17.65 14.64
CA HIS A 263 -22.82 -17.88 14.17
C HIS A 263 -22.87 -17.72 12.66
N PRO A 264 -22.61 -18.78 11.90
CA PRO A 264 -22.67 -18.68 10.44
C PRO A 264 -24.02 -18.19 9.93
N GLU A 265 -25.11 -18.56 10.61
CA GLU A 265 -26.44 -18.17 10.16
C GLU A 265 -26.69 -16.68 10.30
N LEU A 266 -25.91 -15.99 11.13
CA LEU A 266 -26.05 -14.56 11.35
C LEU A 266 -24.98 -13.79 10.59
N HIS A 267 -25.39 -12.69 9.97
CA HIS A 267 -24.43 -11.82 9.28
C HIS A 267 -25.00 -10.40 9.20
N VAL A 268 -24.09 -9.44 9.11
CA VAL A 268 -24.48 -8.04 8.91
C VAL A 268 -24.69 -7.80 7.42
N GLU A 269 -25.75 -7.05 7.11
CA GLU A 269 -26.15 -6.87 5.72
C GLU A 269 -25.03 -6.19 4.93
N PRO A 270 -24.77 -6.62 3.70
CA PRO A 270 -23.73 -5.98 2.90
C PRO A 270 -24.19 -4.64 2.34
N VAL A 271 -23.20 -3.79 2.05
CA VAL A 271 -23.43 -2.48 1.46
C VAL A 271 -23.01 -2.53 0.00
N THR A 272 -23.94 -2.20 -0.89
CA THR A 272 -23.66 -2.17 -2.33
C THR A 272 -23.21 -0.76 -2.71
N ASN A 273 -22.14 -0.67 -3.48
CA ASN A 273 -21.59 0.62 -3.87
C ASN A 273 -21.06 0.55 -5.29
N ASP A 274 -20.86 1.71 -5.89
CA ASP A 274 -20.36 1.84 -7.25
C ASP A 274 -18.92 2.32 -7.21
N ARG A 275 -18.00 1.53 -7.74
CA ARG A 275 -16.58 1.87 -7.68
C ARG A 275 -15.84 1.32 -8.89
N ALA A 276 -14.92 2.13 -9.42
CA ALA A 276 -13.99 1.73 -10.47
C ALA A 276 -14.70 1.11 -11.67
N GLY A 277 -15.89 1.62 -11.98
CA GLY A 277 -16.62 1.12 -13.12
C GLY A 277 -17.46 -0.09 -12.85
N VAL A 278 -17.77 -0.39 -11.59
CA VAL A 278 -18.51 -1.56 -11.19
C VAL A 278 -19.84 -1.12 -10.58
N LYS A 279 -20.93 -1.65 -11.11
CA LYS A 279 -22.27 -1.33 -10.60
C LYS A 279 -22.58 -2.24 -9.42
N GLY A 280 -22.78 -1.64 -8.25
CA GLY A 280 -23.19 -2.38 -7.07
C GLY A 280 -22.22 -3.43 -6.56
N ARG A 281 -20.94 -3.08 -6.37
CA ARG A 281 -20.00 -4.02 -5.77
C ARG A 281 -20.42 -4.28 -4.33
N SER A 282 -20.47 -5.55 -3.94
CA SER A 282 -20.95 -5.92 -2.61
C SER A 282 -19.83 -5.76 -1.58
N TYR A 283 -20.10 -5.01 -0.53
CA TYR A 283 -19.13 -4.71 0.51
C TYR A 283 -19.62 -5.14 1.88
N GLY A 284 -18.66 -5.57 2.70
CA GLY A 284 -18.86 -5.67 4.14
C GLY A 284 -20.04 -6.47 4.64
N GLN A 285 -20.28 -7.64 4.08
CA GLN A 285 -21.17 -8.60 4.71
C GLN A 285 -20.30 -9.37 5.70
N HIS A 286 -20.53 -9.17 6.99
CA HIS A 286 -19.65 -9.65 8.05
C HIS A 286 -20.24 -10.85 8.76
N THR A 287 -19.35 -11.67 9.33
CA THR A 287 -19.77 -12.79 10.16
C THR A 287 -19.91 -12.33 11.60
N VAL A 288 -20.99 -12.77 12.24
CA VAL A 288 -21.28 -12.38 13.61
C VAL A 288 -20.66 -13.39 14.57
N TYR A 289 -19.91 -12.88 15.55
CA TYR A 289 -19.30 -13.69 16.59
C TYR A 289 -19.90 -13.30 17.94
N SER A 290 -19.80 -14.20 18.90
CA SER A 290 -20.30 -13.92 20.24
C SER A 290 -19.29 -14.35 21.28
N LEU A 291 -19.38 -13.72 22.44
CA LEU A 291 -18.60 -14.05 23.63
C LEU A 291 -19.56 -14.11 24.80
N LEU A 292 -19.20 -14.87 25.83
CA LEU A 292 -20.04 -14.93 27.01
C LEU A 292 -19.98 -13.59 27.74
N ARG A 293 -21.14 -13.11 28.18
CA ARG A 293 -21.27 -11.78 28.76
C ARG A 293 -20.78 -11.82 30.20
N SER A 294 -19.58 -11.29 30.43
CA SER A 294 -19.06 -11.23 31.80
C SER A 294 -19.84 -10.22 32.65
N ASP A 295 -20.64 -9.36 32.01
CA ASP A 295 -21.49 -8.44 32.74
C ASP A 295 -22.39 -9.19 33.71
N SER A 296 -23.22 -10.08 33.19
CA SER A 296 -24.08 -10.94 33.99
C SER A 296 -23.61 -12.37 33.81
N ASP A 297 -23.00 -12.94 34.85
CA ASP A 297 -22.54 -14.32 34.77
C ASP A 297 -23.73 -15.24 34.56
N ASP A 298 -23.96 -15.60 33.29
CA ASP A 298 -25.18 -16.27 32.86
C ASP A 298 -24.87 -17.24 31.72
N ASP A 299 -25.81 -17.35 30.79
CA ASP A 299 -25.53 -17.82 29.44
C ASP A 299 -25.78 -16.71 28.42
N ALA A 300 -26.08 -15.50 28.88
CA ALA A 300 -26.28 -14.36 28.00
C ALA A 300 -24.95 -14.00 27.35
N ARG A 301 -25.01 -13.59 26.08
CA ARG A 301 -23.81 -13.38 25.30
C ARG A 301 -23.75 -11.95 24.78
N VAL A 302 -22.58 -11.60 24.21
CA VAL A 302 -22.35 -10.32 23.56
C VAL A 302 -22.02 -10.60 22.10
N PHE A 303 -22.86 -10.10 21.19
CA PHE A 303 -22.69 -10.34 19.76
C PHE A 303 -21.98 -9.15 19.13
N PHE A 304 -21.05 -9.42 18.22
CA PHE A 304 -20.32 -8.36 17.55
C PHE A 304 -19.86 -8.84 16.18
N PRO A 305 -19.71 -7.92 15.22
CA PRO A 305 -19.13 -8.29 13.91
C PRO A 305 -17.61 -8.21 13.94
N MET A 306 -16.93 -9.25 13.45
CA MET A 306 -15.48 -9.29 13.49
C MET A 306 -14.92 -9.92 12.22
N GLU A 307 -13.78 -9.39 11.77
CA GLU A 307 -13.04 -9.97 10.65
C GLU A 307 -11.59 -9.54 10.75
N TRP A 308 -10.73 -10.23 9.99
CA TRP A 308 -9.32 -9.90 9.95
C TRP A 308 -9.05 -8.80 8.94
N ALA A 309 -8.04 -7.98 9.23
CA ALA A 309 -7.63 -6.92 8.30
C ALA A 309 -6.83 -7.56 7.17
N THR A 310 -7.47 -7.79 6.03
CA THR A 310 -6.89 -8.61 4.98
C THR A 310 -5.70 -7.97 4.25
N PRO A 311 -5.45 -6.65 4.30
CA PRO A 311 -4.19 -6.17 3.72
C PRO A 311 -2.97 -6.75 4.40
N ILE A 312 -3.08 -7.13 5.68
CA ILE A 312 -1.97 -7.80 6.35
C ILE A 312 -1.65 -9.11 5.63
N SER A 313 -2.69 -9.88 5.30
CA SER A 313 -2.50 -11.09 4.50
C SER A 313 -1.94 -10.76 3.12
N THR A 314 -2.41 -9.67 2.51
CA THR A 314 -1.93 -9.29 1.19
C THR A 314 -0.47 -8.83 1.25
N VAL A 315 -0.10 -8.08 2.28
CA VAL A 315 1.28 -7.60 2.41
C VAL A 315 2.23 -8.79 2.64
N LYS A 316 1.77 -9.80 3.37
CA LYS A 316 2.58 -10.99 3.57
C LYS A 316 2.93 -11.68 2.27
N SER A 317 2.02 -11.65 1.29
CA SER A 317 2.26 -12.32 0.02
C SER A 317 3.36 -11.68 -0.81
N MET A 318 3.85 -10.50 -0.40
CA MET A 318 4.94 -9.84 -1.11
C MET A 318 6.30 -10.41 -0.74
N ASN A 319 6.35 -11.37 0.19
CA ASN A 319 7.57 -12.07 0.59
C ASN A 319 8.65 -11.10 1.09
N LEU A 320 8.29 -10.32 2.10
CA LEU A 320 9.23 -9.43 2.75
C LEU A 320 10.07 -10.19 3.78
N GLU A 321 11.25 -9.66 4.07
CA GLU A 321 12.06 -10.20 5.15
C GLU A 321 11.34 -10.01 6.48
N ASP A 322 11.53 -10.97 7.40
CA ASP A 322 10.71 -11.03 8.62
C ASP A 322 10.70 -9.69 9.36
N SER A 323 11.87 -9.08 9.55
CA SER A 323 11.93 -7.80 10.25
C SER A 323 11.30 -6.67 9.42
N MET A 324 11.46 -6.73 8.11
CA MET A 324 10.84 -5.71 7.26
C MET A 324 9.33 -5.81 7.28
N LEU A 325 8.79 -7.03 7.32
CA LEU A 325 7.34 -7.20 7.44
C LEU A 325 6.84 -6.68 8.77
N ARG A 326 7.59 -6.94 9.85
CA ARG A 326 7.21 -6.41 11.17
C ARG A 326 7.21 -4.89 11.19
N VAL A 327 8.17 -4.27 10.49
CA VAL A 327 8.22 -2.81 10.43
C VAL A 327 7.02 -2.27 9.65
N GLN A 328 6.70 -2.89 8.51
CA GLN A 328 5.61 -2.41 7.68
C GLN A 328 4.25 -2.64 8.34
N LEU A 329 4.06 -3.82 8.95
CA LEU A 329 2.79 -4.07 9.66
C LEU A 329 2.62 -3.15 10.86
N LYS A 330 3.71 -2.79 11.53
CA LYS A 330 3.58 -1.82 12.62
C LYS A 330 3.19 -0.45 12.09
N ALA A 331 3.75 -0.06 10.93
CA ALA A 331 3.32 1.17 10.29
C ALA A 331 1.87 1.08 9.85
N PHE A 332 1.42 -0.13 9.46
CA PHE A 332 0.03 -0.32 9.06
C PHE A 332 -0.92 0.02 10.21
N CYS A 333 -0.62 -0.50 11.41
CA CYS A 333 -1.47 -0.21 12.56
C CYS A 333 -1.39 1.27 12.93
N ALA A 334 -0.23 1.89 12.76
CA ALA A 334 -0.09 3.31 13.07
C ALA A 334 -0.95 4.16 12.14
N ARG A 335 -0.97 3.82 10.85
CA ARG A 335 -1.78 4.58 9.91
C ARG A 335 -3.25 4.20 9.99
N PHE A 336 -3.56 2.93 10.24
CA PHE A 336 -4.95 2.51 10.38
C PHE A 336 -5.62 3.19 11.57
N ASP A 337 -4.95 3.19 12.72
CA ASP A 337 -5.51 3.85 13.90
C ASP A 337 -5.61 5.35 13.68
N GLN A 338 -4.62 5.93 13.00
CA GLN A 338 -4.63 7.36 12.73
C GLN A 338 -5.80 7.75 11.83
N LEU A 339 -6.05 6.97 10.78
CA LEU A 339 -7.18 7.25 9.90
C LEU A 339 -8.51 7.11 10.63
N VAL A 340 -8.64 6.08 11.47
CA VAL A 340 -9.89 5.86 12.20
C VAL A 340 -10.08 6.93 13.26
N SER A 341 -9.02 7.26 14.00
CA SER A 341 -9.14 8.22 15.09
C SER A 341 -9.48 9.62 14.60
N GLN A 342 -8.92 10.04 13.46
CA GLN A 342 -9.16 11.38 12.95
C GLN A 342 -10.51 11.54 12.25
N SER A 343 -11.22 10.44 11.99
CA SER A 343 -12.54 10.54 11.40
C SER A 343 -13.46 11.35 12.30
N GLN A 344 -14.35 12.15 11.71
CA GLN A 344 -15.20 13.02 12.51
C GLN A 344 -16.56 12.39 12.82
N ASN A 345 -16.97 11.36 12.07
CA ASN A 345 -18.24 10.70 12.33
C ASN A 345 -18.11 9.19 12.35
N HIS A 346 -16.89 8.63 12.29
CA HIS A 346 -16.72 7.19 12.35
C HIS A 346 -15.57 6.83 13.28
N SER A 347 -15.52 7.44 14.46
CA SER A 347 -14.38 7.26 15.34
C SER A 347 -14.50 6.00 16.20
N HIS A 348 -15.69 5.73 16.73
CA HIS A 348 -15.90 4.56 17.59
C HIS A 348 -16.75 3.49 16.94
N GLU A 349 -16.88 3.52 15.62
CA GLU A 349 -17.56 2.45 14.89
C GLU A 349 -16.60 1.34 14.47
N ILE A 350 -15.31 1.66 14.34
CA ILE A 350 -14.28 0.71 13.95
C ILE A 350 -13.26 0.64 15.09
N LYS A 351 -12.98 -0.58 15.56
CA LYS A 351 -11.96 -0.78 16.59
C LYS A 351 -10.97 -1.82 16.09
N LEU A 352 -9.68 -1.44 16.05
CA LEU A 352 -8.62 -2.31 15.56
C LEU A 352 -8.00 -3.06 16.73
N VAL A 353 -8.08 -4.39 16.70
CA VAL A 353 -7.54 -5.22 17.76
C VAL A 353 -6.12 -5.62 17.37
N LYS A 354 -5.13 -5.10 18.11
CA LYS A 354 -3.73 -5.35 17.82
C LYS A 354 -3.18 -6.43 18.75
N GLY A 355 -2.44 -7.37 18.18
CA GLY A 355 -1.79 -8.41 18.96
C GLY A 355 -0.44 -8.74 18.38
N LEU A 356 0.48 -9.14 19.25
CA LEU A 356 1.84 -9.45 18.81
C LEU A 356 1.88 -10.74 18.00
N SER A 357 1.03 -11.71 18.34
CA SER A 357 0.90 -12.95 17.60
C SER A 357 -0.58 -13.26 17.47
N ARG A 358 -0.91 -14.35 16.77
CA ARG A 358 -2.31 -14.73 16.63
C ARG A 358 -2.92 -15.08 17.99
N GLY A 359 -2.18 -15.80 18.82
CA GLY A 359 -2.65 -16.09 20.16
C GLY A 359 -2.87 -14.83 20.98
N ASP A 360 -1.95 -13.87 20.87
CA ASP A 360 -2.10 -12.60 21.55
C ASP A 360 -3.37 -11.87 21.12
N VAL A 361 -3.76 -12.02 19.85
CA VAL A 361 -4.99 -11.40 19.37
C VAL A 361 -6.20 -12.01 20.06
N GLY A 362 -6.18 -13.33 20.28
CA GLY A 362 -7.31 -13.99 20.93
C GLY A 362 -7.63 -13.40 22.30
N ARG A 363 -6.60 -13.14 23.10
CA ARG A 363 -6.82 -12.49 24.39
C ARG A 363 -7.10 -11.01 24.23
N ALA A 364 -6.56 -10.38 23.17
CA ALA A 364 -6.83 -8.97 22.93
C ALA A 364 -8.28 -8.73 22.50
N ILE A 365 -8.92 -9.70 21.86
CA ILE A 365 -10.31 -9.54 21.45
C ILE A 365 -11.21 -9.36 22.66
N ILE A 366 -11.00 -10.17 23.70
CA ILE A 366 -11.83 -10.10 24.90
C ILE A 366 -11.73 -8.72 25.54
N ASP A 367 -10.50 -8.21 25.69
CA ASP A 367 -10.32 -6.88 26.26
C ASP A 367 -11.03 -5.82 25.43
N ALA A 368 -10.98 -5.96 24.10
CA ALA A 368 -11.65 -5.00 23.23
C ALA A 368 -13.16 -5.03 23.43
N VAL A 369 -13.76 -6.23 23.46
CA VAL A 369 -15.20 -6.35 23.57
C VAL A 369 -15.68 -5.90 24.95
N ARG A 370 -14.92 -6.25 26.00
CA ARG A 370 -15.26 -5.78 27.34
C ARG A 370 -15.16 -4.26 27.41
N GLU A 371 -14.18 -3.68 26.72
CA GLU A 371 -14.01 -2.23 26.75
C GLU A 371 -15.14 -1.51 26.01
N GLU A 372 -15.74 -2.15 25.00
CA GLU A 372 -16.87 -1.56 24.30
C GLU A 372 -18.17 -1.67 25.09
N GLN A 373 -18.34 -2.75 25.86
CA GLN A 373 -19.52 -2.88 26.71
C GLN A 373 -19.60 -1.73 27.71
N ASN A 374 -18.48 -1.44 28.38
CA ASN A 374 -18.47 -0.38 29.39
C ASN A 374 -18.76 0.98 28.76
N ARG A 375 -18.24 1.21 27.55
CA ARG A 375 -18.44 2.49 26.89
C ARG A 375 -19.91 2.71 26.55
N LEU A 376 -20.60 1.67 26.09
CA LEU A 376 -22.02 1.78 25.75
C LEU A 376 -22.89 1.60 26.99
N MET B 1 13.07 3.96 -21.26
CA MET B 1 12.20 5.09 -21.59
C MET B 1 12.97 6.20 -22.30
N ASN B 2 12.59 7.45 -22.07
CA ASN B 2 13.15 8.58 -22.81
C ASN B 2 13.03 9.85 -21.98
N ILE B 3 13.49 10.97 -22.55
CA ILE B 3 13.44 12.24 -21.86
C ILE B 3 12.00 12.71 -21.65
N PHE B 4 11.10 12.35 -22.56
CA PHE B 4 9.70 12.75 -22.42
C PHE B 4 9.09 12.13 -21.15
N GLU B 5 9.32 10.84 -20.96
CA GLU B 5 8.81 10.16 -19.76
C GLU B 5 9.45 10.74 -18.51
N MET B 6 10.72 11.13 -18.59
CA MET B 6 11.41 11.73 -17.45
C MET B 6 10.69 12.98 -16.96
N LEU B 7 10.42 13.92 -17.85
CA LEU B 7 9.80 15.17 -17.43
C LEU B 7 8.31 15.02 -17.13
N ARG B 8 7.61 14.11 -17.80
CA ARG B 8 6.21 13.90 -17.42
C ARG B 8 6.12 13.42 -15.98
N ILE B 9 7.11 12.65 -15.53
CA ILE B 9 7.17 12.24 -14.14
C ILE B 9 7.54 13.42 -13.24
N ASP B 10 8.59 14.15 -13.61
CA ASP B 10 9.11 15.21 -12.75
C ASP B 10 8.25 16.47 -12.82
N GLN B 11 7.73 16.80 -14.00
CA GLN B 11 6.98 18.04 -14.19
C GLN B 11 5.48 17.84 -14.32
N GLY B 12 5.04 16.73 -14.90
CA GLY B 12 3.63 16.51 -15.13
C GLY B 12 3.20 16.88 -16.54
N LEU B 13 2.06 16.34 -16.94
CA LEU B 13 1.49 16.58 -18.26
C LEU B 13 0.03 16.95 -18.12
N ARG B 14 -0.38 18.00 -18.82
CA ARG B 14 -1.76 18.44 -18.86
C ARG B 14 -2.17 18.63 -20.31
N LEU B 15 -3.29 18.03 -20.69
CA LEU B 15 -3.79 18.16 -22.05
C LEU B 15 -4.94 19.17 -22.16
N LYS B 16 -5.27 19.84 -21.06
CA LYS B 16 -6.23 20.93 -21.05
C LYS B 16 -5.53 22.21 -20.64
N ILE B 17 -6.05 23.35 -21.10
CA ILE B 17 -5.46 24.63 -20.76
C ILE B 17 -5.61 24.88 -19.27
N TYR B 18 -4.49 25.21 -18.61
CA TYR B 18 -4.50 25.47 -17.19
C TYR B 18 -3.68 26.71 -16.90
N LYS B 19 -3.92 27.28 -15.71
CA LYS B 19 -3.15 28.39 -15.20
C LYS B 19 -1.98 27.85 -14.41
N ASP B 20 -0.78 28.36 -14.67
CA ASP B 20 0.42 27.85 -14.01
C ASP B 20 0.54 28.47 -12.61
N THR B 21 1.69 28.30 -11.98
CA THR B 21 1.86 28.74 -10.60
C THR B 21 1.61 30.23 -10.46
N GLU B 22 2.08 31.02 -11.42
CA GLU B 22 1.87 32.46 -11.41
C GLU B 22 0.60 32.87 -12.16
N GLY B 23 -0.19 31.91 -12.63
CA GLY B 23 -1.48 32.20 -13.21
C GLY B 23 -1.55 32.33 -14.72
N TYR B 24 -0.48 32.03 -15.44
CA TYR B 24 -0.45 32.19 -16.89
C TYR B 24 -0.82 30.89 -17.58
N TYR B 25 -1.60 31.00 -18.65
CA TYR B 25 -2.13 29.83 -19.33
C TYR B 25 -1.02 29.01 -20.00
N THR B 26 -1.05 27.70 -19.80
CA THR B 26 0.00 26.80 -20.25
C THR B 26 -0.63 25.47 -20.66
N ILE B 27 0.09 24.71 -21.47
CA ILE B 27 -0.37 23.42 -21.98
C ILE B 27 0.80 22.46 -22.01
N GLY B 28 0.48 21.17 -22.06
CA GLY B 28 1.50 20.14 -22.17
C GLY B 28 2.41 20.11 -20.95
N ILE B 29 3.71 20.00 -21.21
CA ILE B 29 4.69 20.00 -20.13
C ILE B 29 5.24 21.41 -19.98
N GLY B 30 4.52 22.25 -19.24
CA GLY B 30 4.98 23.60 -18.93
C GLY B 30 5.30 24.48 -20.11
N HIS B 31 4.43 24.49 -21.12
CA HIS B 31 4.63 25.31 -22.33
C HIS B 31 3.83 26.60 -22.15
N LEU B 32 4.55 27.71 -21.99
CA LEU B 32 3.90 29.01 -21.80
C LEU B 32 3.18 29.45 -23.06
N LEU B 33 1.95 29.94 -22.90
CA LEU B 33 1.14 30.42 -24.01
C LEU B 33 1.09 31.94 -24.09
N THR B 34 0.63 32.61 -23.03
CA THR B 34 0.54 34.07 -23.03
C THR B 34 0.46 34.56 -21.60
N LYS B 35 0.87 35.81 -21.40
CA LYS B 35 0.69 36.51 -20.15
C LYS B 35 -0.61 37.29 -20.09
N SER B 36 -1.49 37.10 -21.09
CA SER B 36 -2.78 37.76 -21.16
C SER B 36 -3.78 37.09 -20.22
N PRO B 37 -4.65 37.86 -19.56
CA PRO B 37 -5.72 37.26 -18.75
C PRO B 37 -6.91 36.76 -19.56
N SER B 38 -6.83 36.79 -20.88
CA SER B 38 -7.92 36.32 -21.74
C SER B 38 -7.68 34.85 -22.06
N LEU B 39 -8.58 34.00 -21.58
CA LEU B 39 -8.47 32.57 -21.88
C LEU B 39 -8.49 32.31 -23.39
N ASN B 40 -9.24 33.12 -24.14
CA ASN B 40 -9.26 32.98 -25.59
C ASN B 40 -7.92 33.38 -26.21
N ALA B 41 -7.24 34.38 -25.64
CA ALA B 41 -5.96 34.81 -26.18
C ALA B 41 -4.94 33.69 -26.18
N ALA B 42 -4.87 32.92 -25.08
CA ALA B 42 -3.98 31.77 -25.05
C ALA B 42 -4.43 30.70 -26.03
N LYS B 43 -5.75 30.49 -26.14
CA LYS B 43 -6.28 29.51 -27.08
C LYS B 43 -5.94 29.87 -28.52
N SER B 44 -5.94 31.17 -28.83
CA SER B 44 -5.54 31.58 -30.17
C SER B 44 -4.09 31.20 -30.46
N GLU B 45 -3.21 31.38 -29.46
CA GLU B 45 -1.83 30.93 -29.61
C GLU B 45 -1.75 29.42 -29.72
N LEU B 46 -2.62 28.71 -28.99
CA LEU B 46 -2.64 27.25 -29.07
C LEU B 46 -3.12 26.77 -30.43
N ASP B 47 -4.20 27.37 -30.95
CA ASP B 47 -4.72 26.95 -32.25
C ASP B 47 -3.66 27.05 -33.33
N LYS B 48 -2.96 28.19 -33.41
CA LYS B 48 -1.90 28.34 -34.39
C LYS B 48 -0.70 27.43 -34.10
N ALA B 49 -0.46 27.12 -32.83
CA ALA B 49 0.71 26.31 -32.48
C ALA B 49 0.59 24.91 -33.06
N ILE B 50 -0.61 24.33 -33.03
CA ILE B 50 -0.83 23.00 -33.59
C ILE B 50 -1.53 23.05 -34.94
N GLY B 51 -2.26 24.13 -35.24
CA GLY B 51 -2.99 24.25 -36.47
C GLY B 51 -4.30 23.50 -36.52
N ARG B 52 -5.04 23.48 -35.41
CA ARG B 52 -6.28 22.71 -35.34
C ARG B 52 -7.33 23.47 -34.54
N THR B 54 -8.42 23.30 -31.52
CA THR B 54 -8.10 22.58 -30.29
C THR B 54 -9.23 22.64 -29.30
N ASN B 55 -9.84 23.84 -29.19
CA ASN B 55 -10.84 24.16 -28.18
C ASN B 55 -10.23 24.09 -26.78
N GLY B 56 -8.89 24.13 -26.71
CA GLY B 56 -8.16 24.07 -25.47
C GLY B 56 -7.69 22.68 -25.09
N VAL B 57 -8.06 21.66 -25.84
CA VAL B 57 -7.71 20.27 -25.56
C VAL B 57 -6.85 19.73 -26.69
N ILE B 58 -5.72 19.11 -26.34
CA ILE B 58 -4.77 18.56 -27.30
C ILE B 58 -4.50 17.11 -26.91
N THR B 59 -3.90 16.36 -27.84
CA THR B 59 -3.69 14.93 -27.65
C THR B 59 -2.29 14.63 -27.15
N LYS B 60 -2.04 13.35 -26.86
CA LYS B 60 -0.77 12.90 -26.31
C LYS B 60 0.39 13.12 -27.28
N ASP B 61 0.31 12.52 -28.46
CA ASP B 61 1.42 12.64 -29.42
C ASP B 61 1.59 14.07 -29.91
N GLU B 62 0.56 14.91 -29.78
CA GLU B 62 0.72 16.32 -30.07
C GLU B 62 1.50 17.02 -28.97
N ALA B 63 1.20 16.70 -27.71
CA ALA B 63 1.96 17.27 -26.60
C ALA B 63 3.41 16.80 -26.60
N GLU B 64 3.67 15.60 -27.13
CA GLU B 64 5.04 15.14 -27.24
C GLU B 64 5.74 15.76 -28.45
N LYS B 65 4.97 16.07 -29.50
CA LYS B 65 5.50 16.87 -30.60
C LYS B 65 5.79 18.29 -30.14
N LEU B 66 4.90 18.85 -29.31
CA LEU B 66 5.14 20.18 -28.74
C LEU B 66 6.31 20.16 -27.76
N PHE B 67 6.46 19.06 -27.03
CA PHE B 67 7.57 18.93 -26.07
C PHE B 67 8.91 18.93 -26.78
N ASN B 68 9.03 18.18 -27.88
CA ASN B 68 10.28 18.12 -28.61
C ASN B 68 10.65 19.47 -29.22
N GLN B 69 9.65 20.28 -29.58
CA GLN B 69 9.94 21.65 -30.01
C GLN B 69 10.58 22.45 -28.89
N ASP B 70 10.09 22.27 -27.65
CA ASP B 70 10.69 22.93 -26.50
C ASP B 70 12.06 22.36 -26.18
N VAL B 71 12.25 21.05 -26.36
CA VAL B 71 13.53 20.43 -26.03
C VAL B 71 14.63 20.98 -26.92
N ASP B 72 14.38 21.05 -28.23
CA ASP B 72 15.38 21.55 -29.16
C ASP B 72 15.68 23.03 -28.91
N ALA B 73 14.64 23.82 -28.62
CA ALA B 73 14.87 25.23 -28.31
C ALA B 73 15.69 25.41 -27.04
N ALA B 74 15.47 24.55 -26.04
CA ALA B 74 16.27 24.60 -24.83
C ALA B 74 17.72 24.20 -25.10
N VAL B 75 17.91 23.18 -25.94
CA VAL B 75 19.25 22.80 -26.36
C VAL B 75 19.88 23.91 -27.17
N ARG B 76 19.07 24.60 -27.99
CA ARG B 76 19.56 25.72 -28.78
C ARG B 76 20.12 26.82 -27.89
N GLY B 77 19.38 27.17 -26.84
CA GLY B 77 19.88 28.15 -25.88
C GLY B 77 21.12 27.69 -25.14
N ILE B 78 21.22 26.39 -24.88
CA ILE B 78 22.40 25.86 -24.19
C ILE B 78 23.65 26.13 -25.04
N LEU B 79 23.59 25.80 -26.32
CA LEU B 79 24.72 26.04 -27.21
C LEU B 79 25.05 27.53 -27.32
N ARG B 80 24.06 28.40 -27.11
CA ARG B 80 24.31 29.84 -27.10
C ARG B 80 24.81 30.34 -25.75
N ASN B 81 24.85 29.51 -24.72
CA ASN B 81 25.30 29.90 -23.39
C ASN B 81 26.70 29.33 -23.16
N ALA B 82 27.64 30.19 -22.77
CA ALA B 82 29.03 29.78 -22.69
C ALA B 82 29.30 28.86 -21.50
N LYS B 83 28.49 28.95 -20.45
CA LYS B 83 28.71 28.10 -19.28
C LYS B 83 28.08 26.73 -19.41
N LEU B 84 27.09 26.55 -20.29
CA LEU B 84 26.39 25.28 -20.42
C LEU B 84 26.85 24.48 -21.63
N LYS B 85 27.55 25.10 -22.58
CA LYS B 85 27.98 24.37 -23.77
C LYS B 85 29.02 23.29 -23.47
N PRO B 86 30.11 23.56 -22.73
CA PRO B 86 31.10 22.50 -22.51
C PRO B 86 30.57 21.26 -21.80
N VAL B 87 29.73 21.43 -20.78
CA VAL B 87 29.23 20.28 -20.04
C VAL B 87 28.31 19.43 -20.90
N TYR B 88 27.44 20.06 -21.69
CA TYR B 88 26.51 19.32 -22.53
C TYR B 88 27.26 18.46 -23.55
N ASP B 89 28.31 19.02 -24.15
CA ASP B 89 29.07 18.27 -25.15
C ASP B 89 29.73 17.04 -24.55
N SER B 90 30.18 17.14 -23.29
CA SER B 90 30.83 16.02 -22.64
C SER B 90 29.85 14.93 -22.23
N LEU B 91 28.62 15.29 -21.91
CA LEU B 91 27.68 14.34 -21.33
C LEU B 91 27.20 13.30 -22.36
N ASP B 92 26.78 12.16 -21.84
CA ASP B 92 26.21 11.08 -22.62
C ASP B 92 24.70 11.27 -22.76
N ALA B 93 24.03 10.34 -23.46
CA ALA B 93 22.63 10.52 -23.83
C ALA B 93 21.74 10.72 -22.61
N VAL B 94 21.91 9.89 -21.58
CA VAL B 94 21.03 9.95 -20.41
C VAL B 94 21.27 11.22 -19.60
N ARG B 95 22.55 11.50 -19.29
CA ARG B 95 22.86 12.66 -18.47
C ARG B 95 22.53 13.97 -19.17
N ARG B 96 22.48 13.97 -20.50
CA ARG B 96 22.02 15.14 -21.23
C ARG B 96 20.57 15.46 -20.88
N ALA B 97 19.74 14.43 -20.77
CA ALA B 97 18.35 14.63 -20.37
C ALA B 97 18.26 15.18 -18.95
N ALA B 98 19.16 14.76 -18.06
CA ALA B 98 19.14 15.26 -16.69
C ALA B 98 19.46 16.75 -16.64
N LEU B 99 20.44 17.20 -17.42
CA LEU B 99 20.74 18.63 -17.50
C LEU B 99 19.60 19.40 -18.15
N ILE B 100 18.98 18.82 -19.17
CA ILE B 100 17.85 19.47 -19.83
C ILE B 100 16.68 19.63 -18.85
N ASN B 101 16.51 18.67 -17.94
CA ASN B 101 15.47 18.79 -16.92
C ASN B 101 15.70 20.03 -16.05
N MET B 102 16.96 20.29 -15.67
CA MET B 102 17.26 21.46 -14.86
C MET B 102 16.96 22.75 -15.60
N VAL B 103 17.26 22.79 -16.90
CA VAL B 103 16.96 23.98 -17.70
C VAL B 103 15.45 24.19 -17.80
N PHE B 104 14.70 23.11 -17.98
CA PHE B 104 13.25 23.21 -18.03
C PHE B 104 12.67 23.70 -16.71
N GLN B 105 13.29 23.33 -15.59
CA GLN B 105 12.78 23.70 -14.27
C GLN B 105 13.21 25.12 -13.90
N MET B 106 14.48 25.46 -14.13
CA MET B 106 15.06 26.68 -13.59
C MET B 106 15.47 27.69 -14.67
N GLY B 107 15.49 27.28 -15.92
CA GLY B 107 15.94 28.21 -16.95
C GLY B 107 17.43 28.13 -17.16
N GLU B 108 17.86 28.50 -18.36
CA GLU B 108 19.29 28.45 -18.68
C GLU B 108 20.09 29.35 -17.76
N THR B 109 19.55 30.52 -17.43
CA THR B 109 20.23 31.42 -16.49
C THR B 109 20.40 30.76 -15.13
N GLY B 110 19.40 29.98 -14.70
CA GLY B 110 19.50 29.28 -13.42
C GLY B 110 20.57 28.20 -13.42
N VAL B 111 20.59 27.36 -14.46
CA VAL B 111 21.55 26.26 -14.51
C VAL B 111 22.98 26.78 -14.59
N ALA B 112 23.18 27.95 -15.21
CA ALA B 112 24.52 28.52 -15.30
C ALA B 112 25.08 28.88 -13.92
N GLY B 113 24.22 29.07 -12.93
CA GLY B 113 24.70 29.38 -11.59
C GLY B 113 25.46 28.25 -10.95
N PHE B 114 25.19 27.01 -11.35
CA PHE B 114 25.85 25.84 -10.77
C PHE B 114 27.26 25.66 -11.34
N THR B 115 28.12 26.65 -11.08
CA THR B 115 29.46 26.62 -11.63
C THR B 115 30.26 25.43 -11.11
N ASN B 116 30.27 25.23 -9.79
CA ASN B 116 31.06 24.14 -9.23
C ASN B 116 30.47 22.79 -9.59
N SER B 117 29.14 22.64 -9.48
CA SER B 117 28.52 21.36 -9.77
C SER B 117 28.68 20.96 -11.24
N LEU B 118 28.62 21.94 -12.15
CA LEU B 118 28.77 21.63 -13.56
C LEU B 118 30.19 21.20 -13.90
N ARG B 119 31.19 21.77 -13.23
CA ARG B 119 32.57 21.39 -13.51
C ARG B 119 32.84 19.97 -13.05
N MET B 120 32.24 19.54 -11.94
CA MET B 120 32.40 18.16 -11.50
C MET B 120 31.74 17.18 -12.46
N LEU B 121 30.58 17.56 -13.02
CA LEU B 121 29.96 16.74 -14.05
C LEU B 121 30.84 16.65 -15.29
N GLN B 122 31.46 17.77 -15.66
CA GLN B 122 32.30 17.79 -16.86
C GLN B 122 33.55 16.94 -16.65
N GLN B 123 34.11 16.94 -15.44
CA GLN B 123 35.25 16.08 -15.13
C GLN B 123 34.81 14.71 -14.63
N LYS B 124 33.56 14.32 -14.88
CA LYS B 124 33.08 12.96 -14.69
C LYS B 124 33.23 12.50 -13.25
N ARG B 125 33.19 13.44 -12.30
CA ARG B 125 33.16 13.11 -10.88
C ARG B 125 31.70 13.07 -10.42
N TRP B 126 31.05 11.93 -10.69
CA TRP B 126 29.62 11.80 -10.43
C TRP B 126 29.31 11.87 -8.94
N ASP B 127 29.95 11.03 -8.13
CA ASP B 127 29.70 11.05 -6.69
C ASP B 127 30.00 12.42 -6.12
N GLU B 128 31.10 13.04 -6.57
CA GLU B 128 31.48 14.36 -6.10
C GLU B 128 30.45 15.42 -6.50
N ALA B 129 29.96 15.35 -7.74
CA ALA B 129 28.98 16.33 -8.21
C ALA B 129 27.62 16.12 -7.54
N ALA B 130 27.20 14.87 -7.37
CA ALA B 130 25.89 14.58 -6.81
C ALA B 130 25.77 15.06 -5.37
N VAL B 131 26.88 15.07 -4.63
CA VAL B 131 26.84 15.56 -3.25
C VAL B 131 26.72 17.08 -3.23
N ASN B 132 27.36 17.76 -4.19
CA ASN B 132 27.29 19.20 -4.24
C ASN B 132 25.90 19.68 -4.67
N LEU B 133 25.29 18.98 -5.63
CA LEU B 133 23.95 19.37 -6.08
C LEU B 133 22.92 19.24 -4.97
N ALA B 134 23.07 18.24 -4.10
CA ALA B 134 22.10 18.03 -3.03
C ALA B 134 22.19 19.09 -1.94
N LYS B 135 23.16 20.00 -2.01
CA LYS B 135 23.31 21.09 -1.05
C LYS B 135 22.68 22.38 -1.52
N SER B 136 22.14 22.43 -2.73
CA SER B 136 21.70 23.67 -3.35
C SER B 136 20.27 24.02 -2.94
N ARG B 137 19.86 25.24 -3.30
CA ARG B 137 18.49 25.69 -3.07
C ARG B 137 17.52 24.94 -3.98
N TRP B 138 17.97 24.55 -5.16
CA TRP B 138 17.16 23.73 -6.06
C TRP B 138 16.74 22.42 -5.40
N TYR B 139 17.64 21.80 -4.65
CA TYR B 139 17.33 20.56 -3.95
C TYR B 139 16.31 20.80 -2.85
N ASN B 140 16.52 21.86 -2.06
CA ASN B 140 15.63 22.14 -0.94
C ASN B 140 14.22 22.48 -1.41
N GLN B 141 14.07 23.11 -2.58
CA GLN B 141 12.73 23.48 -3.03
C GLN B 141 11.95 22.28 -3.51
N THR B 142 12.57 21.43 -4.33
CA THR B 142 11.91 20.24 -4.90
C THR B 142 12.82 19.03 -4.72
N PRO B 143 12.87 18.48 -3.51
CA PRO B 143 13.82 17.39 -3.25
C PRO B 143 13.46 16.08 -3.95
N ASN B 144 12.17 15.81 -4.16
CA ASN B 144 11.79 14.55 -4.81
C ASN B 144 12.25 14.53 -6.26
N ARG B 145 12.04 15.64 -6.97
CA ARG B 145 12.52 15.76 -8.35
C ARG B 145 14.04 15.88 -8.38
N ALA B 146 14.62 16.62 -7.42
CA ALA B 146 16.07 16.79 -7.39
C ALA B 146 16.78 15.46 -7.14
N LYS B 147 16.22 14.61 -6.28
CA LYS B 147 16.84 13.32 -6.01
C LYS B 147 16.95 12.48 -7.28
N ARG B 148 15.89 12.45 -8.09
CA ARG B 148 15.90 11.64 -9.30
C ARG B 148 16.84 12.22 -10.35
N VAL B 149 16.88 13.54 -10.47
CA VAL B 149 17.81 14.17 -11.42
C VAL B 149 19.25 13.97 -10.96
N ILE B 150 19.48 14.09 -9.65
CA ILE B 150 20.82 13.86 -9.10
C ILE B 150 21.23 12.40 -9.29
N THR B 151 20.31 11.48 -8.99
CA THR B 151 20.60 10.06 -9.18
C THR B 151 20.86 9.75 -10.65
N THR B 152 20.23 10.49 -11.56
CA THR B 152 20.50 10.30 -12.99
C THR B 152 21.90 10.74 -13.36
N PHE B 153 22.38 11.84 -12.76
CA PHE B 153 23.74 12.29 -13.03
C PHE B 153 24.78 11.30 -12.50
N ARG B 154 24.60 10.82 -11.27
CA ARG B 154 25.58 9.95 -10.65
C ARG B 154 25.71 8.62 -11.38
N THR B 155 24.59 8.00 -11.75
CA THR B 155 24.61 6.66 -12.32
C THR B 155 24.46 6.65 -13.83
N GLY B 156 23.92 7.71 -14.43
CA GLY B 156 23.72 7.73 -15.87
C GLY B 156 22.63 6.81 -16.35
N THR B 157 21.74 6.36 -15.48
CA THR B 157 20.68 5.43 -15.82
C THR B 157 19.32 6.05 -15.52
N TRP B 158 18.28 5.43 -16.07
CA TRP B 158 16.90 5.83 -15.80
C TRP B 158 16.34 5.12 -14.57
N ASP B 159 17.21 4.52 -13.75
CA ASP B 159 16.76 3.68 -12.64
C ASP B 159 15.93 4.45 -11.62
N ALA B 160 16.17 5.76 -11.48
CA ALA B 160 15.42 6.54 -10.50
C ALA B 160 13.97 6.75 -10.94
N TYR B 161 13.67 6.54 -12.22
CA TYR B 161 12.33 6.76 -12.74
C TYR B 161 11.63 5.42 -12.99
N GLY B 166 11.23 -2.33 -8.32
CA GLY B 166 10.84 -1.58 -7.13
C GLY B 166 10.17 -2.46 -6.12
N MET B 167 10.97 -3.25 -5.38
CA MET B 167 10.41 -4.30 -4.55
C MET B 167 9.54 -3.73 -3.43
N LEU B 168 9.99 -2.65 -2.78
CA LEU B 168 9.22 -2.04 -1.71
C LEU B 168 8.62 -0.68 -2.09
N ASP B 169 8.24 -0.51 -3.35
CA ASP B 169 7.55 0.71 -3.75
C ASP B 169 6.05 0.58 -3.53
N VAL B 170 5.40 1.70 -3.19
CA VAL B 170 3.96 1.69 -3.00
C VAL B 170 3.26 1.29 -4.29
N GLY B 171 3.73 1.81 -5.43
CA GLY B 171 3.11 1.47 -6.70
C GLY B 171 3.25 -0.01 -7.05
N ALA B 172 4.44 -0.57 -6.86
CA ALA B 172 4.65 -1.98 -7.14
C ALA B 172 3.96 -2.86 -6.12
N ALA B 173 3.86 -2.41 -4.87
CA ALA B 173 3.11 -3.15 -3.87
C ALA B 173 1.62 -3.18 -4.19
N SER B 174 1.11 -2.07 -4.73
CA SER B 174 -0.30 -2.03 -5.12
C SER B 174 -0.55 -2.89 -6.35
N ALA B 175 0.40 -2.93 -7.28
CA ALA B 175 0.29 -3.86 -8.40
C ALA B 175 0.38 -5.29 -7.90
N GLN B 176 1.24 -5.54 -6.91
CA GLN B 176 1.29 -6.82 -6.24
C GLN B 176 0.00 -7.06 -5.43
N SER B 177 -0.57 -6.00 -4.87
CA SER B 177 -1.81 -6.13 -4.11
C SER B 177 -2.98 -6.56 -4.98
N ILE B 178 -3.13 -5.92 -6.16
CA ILE B 178 -4.29 -6.20 -7.01
C ILE B 178 -4.16 -7.56 -7.69
N TRP B 179 -2.94 -7.98 -8.01
CA TRP B 179 -2.79 -9.28 -8.68
C TRP B 179 -3.03 -10.43 -7.72
N SER B 180 -2.28 -10.45 -6.61
CA SER B 180 -2.38 -11.56 -5.67
C SER B 180 -3.67 -11.51 -4.86
N GLY B 181 -4.10 -10.31 -4.47
CA GLY B 181 -5.26 -10.18 -3.61
C GLY B 181 -6.59 -10.09 -4.31
N TYR B 182 -6.61 -10.17 -5.64
CA TYR B 182 -7.85 -10.06 -6.40
C TYR B 182 -7.83 -10.82 -7.72
N LEU B 183 -6.99 -10.38 -8.67
CA LEU B 183 -7.01 -10.97 -10.00
C LEU B 183 -6.64 -12.45 -9.96
N GLU B 184 -5.65 -12.81 -9.15
CA GLU B 184 -5.25 -14.22 -9.05
C GLU B 184 -6.39 -15.08 -8.53
N ILE B 185 -7.20 -14.53 -7.63
CA ILE B 185 -8.31 -15.30 -7.05
C ILE B 185 -9.33 -15.66 -8.12
N ILE B 186 -9.77 -14.68 -8.91
CA ILE B 186 -10.78 -14.94 -9.92
C ILE B 186 -10.22 -15.83 -11.03
N LEU B 187 -8.95 -15.64 -11.40
CA LEU B 187 -8.38 -16.46 -12.47
C LEU B 187 -8.26 -17.91 -12.05
N SER B 188 -8.08 -18.17 -10.74
CA SER B 188 -8.01 -19.53 -10.24
C SER B 188 -9.34 -20.26 -10.38
N ASN B 189 -10.45 -19.53 -10.46
CA ASN B 189 -11.76 -20.18 -10.54
C ASN B 189 -11.97 -20.85 -11.89
N GLY B 190 -11.66 -20.16 -12.97
CA GLY B 190 -11.84 -20.72 -14.29
C GLY B 190 -11.38 -19.75 -15.36
N ALA B 191 -11.58 -20.15 -16.61
CA ALA B 191 -11.18 -19.32 -17.73
C ALA B 191 -12.11 -18.13 -17.90
N MET B 192 -11.62 -17.11 -18.61
CA MET B 192 -12.43 -15.92 -18.87
C MET B 192 -13.62 -16.23 -19.75
N ASP B 193 -13.44 -17.08 -20.78
CA ASP B 193 -14.55 -17.43 -21.63
C ASP B 193 -15.59 -18.26 -20.90
N ALA B 194 -15.23 -18.89 -19.79
CA ALA B 194 -16.17 -19.68 -19.01
C ALA B 194 -17.03 -18.85 -18.07
N ARG B 195 -16.78 -17.54 -17.98
CA ARG B 195 -17.47 -16.70 -17.01
C ARG B 195 -18.85 -16.31 -17.53
N LYS B 196 -19.86 -16.51 -16.68
CA LYS B 196 -21.24 -16.38 -17.09
C LYS B 196 -21.66 -14.92 -17.17
N ILE B 197 -22.57 -14.64 -18.11
CA ILE B 197 -23.15 -13.31 -18.29
C ILE B 197 -24.52 -13.27 -17.64
N ARG B 198 -24.80 -12.18 -16.92
CA ARG B 198 -26.02 -12.09 -16.13
C ARG B 198 -26.76 -10.79 -16.43
N HIS B 199 -28.08 -10.83 -16.28
CA HIS B 199 -28.96 -9.69 -16.42
C HIS B 199 -29.53 -9.34 -15.05
N GLN B 200 -29.63 -8.05 -14.75
CA GLN B 200 -30.08 -7.64 -13.41
C GLN B 200 -31.56 -7.96 -13.21
N GLN B 202 -33.46 -9.10 -15.27
CA GLN B 202 -34.10 -10.28 -15.84
C GLN B 202 -33.30 -11.53 -15.49
N PRO B 203 -33.92 -12.71 -15.63
CA PRO B 203 -33.11 -13.93 -15.69
C PRO B 203 -32.89 -14.38 -17.13
N CYS B 204 -31.63 -14.42 -17.57
CA CYS B 204 -31.29 -14.89 -18.90
C CYS B 204 -30.17 -15.90 -18.83
N ASP B 205 -30.34 -17.03 -19.54
CA ASP B 205 -29.21 -17.88 -19.88
C ASP B 205 -28.50 -17.16 -21.03
N CYS B 206 -27.73 -16.14 -20.67
CA CYS B 206 -27.14 -15.19 -21.61
C CYS B 206 -25.80 -15.65 -22.17
N GLY B 207 -25.33 -16.84 -21.77
CA GLY B 207 -24.06 -17.33 -22.25
C GLY B 207 -22.89 -16.77 -21.47
N THR B 208 -21.71 -16.86 -22.08
CA THR B 208 -20.46 -16.48 -21.45
C THR B 208 -19.74 -15.41 -22.29
N LEU B 209 -18.61 -14.93 -21.75
CA LEU B 209 -17.83 -13.90 -22.41
C LEU B 209 -17.26 -14.38 -23.74
N GLY B 210 -16.72 -15.60 -23.77
CA GLY B 210 -16.14 -16.11 -25.00
C GLY B 210 -17.17 -16.39 -26.07
N HIS B 211 -18.29 -17.01 -25.68
CA HIS B 211 -19.37 -17.32 -26.61
C HIS B 211 -20.69 -16.84 -26.01
N PRO B 212 -21.19 -15.68 -26.46
CA PRO B 212 -22.50 -15.23 -25.98
C PRO B 212 -23.60 -16.07 -26.60
N SER B 213 -24.59 -16.41 -25.78
CA SER B 213 -25.64 -17.34 -26.21
C SER B 213 -26.48 -16.72 -27.31
N PRO B 214 -27.13 -17.56 -28.14
CA PRO B 214 -28.00 -17.01 -29.19
C PRO B 214 -29.16 -16.21 -28.64
N GLU B 215 -29.65 -16.54 -27.44
CA GLU B 215 -30.69 -15.73 -26.82
C GLU B 215 -30.18 -14.31 -26.53
N PHE B 216 -28.92 -14.19 -26.13
CA PHE B 216 -28.35 -12.87 -25.86
C PHE B 216 -28.26 -12.03 -27.13
N LYS B 217 -27.95 -12.65 -28.27
CA LYS B 217 -27.78 -11.92 -29.52
C LYS B 217 -29.09 -11.29 -30.01
N VAL B 219 -31.60 -9.67 -28.29
CA VAL B 219 -31.80 -8.46 -27.50
C VAL B 219 -30.81 -7.39 -27.96
N TYR B 220 -29.55 -7.79 -28.11
CA TYR B 220 -28.49 -6.84 -28.44
C TYR B 220 -27.98 -7.03 -29.86
N SER B 224 -23.22 -9.30 -33.32
CA SER B 224 -22.65 -8.85 -32.06
C SER B 224 -21.65 -9.86 -31.51
N ILE B 225 -20.55 -9.36 -30.96
CA ILE B 225 -19.54 -10.21 -30.31
C ILE B 225 -19.23 -9.63 -28.93
N VAL B 226 -18.90 -10.52 -28.00
CA VAL B 226 -18.49 -10.15 -26.66
C VAL B 226 -17.05 -10.62 -26.47
N LEU B 227 -16.21 -9.76 -25.87
CA LEU B 227 -14.80 -10.12 -25.77
C LEU B 227 -14.48 -10.69 -24.40
N PRO B 228 -13.81 -11.84 -24.34
CA PRO B 228 -13.38 -12.42 -23.05
C PRO B 228 -12.03 -11.87 -22.61
N VAL B 229 -11.97 -10.56 -22.38
CA VAL B 229 -10.78 -9.88 -21.91
C VAL B 229 -11.18 -8.89 -20.83
N LEU B 230 -10.48 -8.93 -19.70
CA LEU B 230 -10.72 -7.97 -18.62
C LEU B 230 -9.83 -6.77 -18.86
N PHE B 231 -10.43 -5.63 -19.16
CA PHE B 231 -9.69 -4.40 -19.41
C PHE B 231 -9.55 -3.66 -18.08
N GLU B 232 -8.31 -3.49 -17.63
CA GLU B 232 -8.03 -2.79 -16.39
C GLU B 232 -7.45 -1.44 -16.78
N LEU B 233 -8.19 -0.36 -16.49
CA LEU B 233 -7.83 0.97 -16.94
C LEU B 233 -6.90 1.64 -15.94
N ALA B 234 -5.79 2.18 -16.43
CA ALA B 234 -4.78 2.82 -15.59
C ALA B 234 -4.39 4.18 -16.18
N PRO B 235 -5.01 5.27 -15.71
CA PRO B 235 -4.53 6.60 -16.10
C PRO B 235 -3.29 6.96 -15.30
N LEU B 236 -2.21 7.27 -16.01
CA LEU B 236 -0.92 7.48 -15.36
C LEU B 236 -0.84 8.80 -14.60
N ASP B 237 -1.87 9.63 -14.65
CA ASP B 237 -1.95 10.80 -13.78
C ASP B 237 -2.90 10.58 -12.61
N GLY B 238 -3.46 9.37 -12.49
CA GLY B 238 -4.34 9.03 -11.39
C GLY B 238 -5.77 9.53 -11.53
N ASP B 239 -6.12 10.12 -12.68
CA ASP B 239 -7.45 10.68 -12.88
C ASP B 239 -8.40 9.54 -13.20
N VAL B 240 -8.97 8.95 -12.17
CA VAL B 240 -9.96 7.88 -12.27
C VAL B 240 -11.31 8.45 -11.87
N PRO B 241 -12.38 8.20 -12.62
CA PRO B 241 -13.69 8.72 -12.22
C PRO B 241 -14.28 7.89 -11.10
N GLU B 242 -14.92 8.57 -10.15
CA GLU B 242 -15.60 7.87 -9.07
C GLU B 242 -16.92 7.26 -9.53
N GLY B 243 -17.21 6.07 -9.01
CA GLY B 243 -18.45 5.39 -9.28
C GLY B 243 -18.52 4.89 -10.72
N VAL B 244 -19.74 4.62 -11.16
CA VAL B 244 -19.98 4.15 -12.52
C VAL B 244 -20.81 5.21 -13.25
N ALA B 245 -20.56 5.33 -14.55
CA ALA B 245 -21.15 6.37 -15.37
C ALA B 245 -22.51 5.96 -15.91
N THR B 246 -23.44 6.92 -15.87
CA THR B 246 -24.65 6.79 -16.67
C THR B 246 -24.36 7.30 -18.08
N GLU B 247 -25.27 7.01 -19.02
CA GLU B 247 -25.03 7.46 -20.40
C GLU B 247 -24.91 8.98 -20.48
N ALA B 248 -25.67 9.72 -19.67
CA ALA B 248 -25.53 11.17 -19.69
C ALA B 248 -24.13 11.59 -19.27
N GLU B 249 -23.59 10.99 -18.21
CA GLU B 249 -22.26 11.30 -17.72
C GLU B 249 -21.16 10.48 -18.38
N LEU B 250 -21.51 9.63 -19.36
CA LEU B 250 -20.51 8.75 -19.96
C LEU B 250 -19.36 9.53 -20.58
N ALA B 251 -19.68 10.65 -21.23
CA ALA B 251 -18.62 11.45 -21.86
C ALA B 251 -17.71 12.07 -20.81
N ILE B 252 -18.26 12.44 -19.65
CA ILE B 252 -17.42 12.97 -18.58
C ILE B 252 -16.48 11.90 -18.04
N HIS B 253 -16.99 10.68 -17.84
CA HIS B 253 -16.15 9.61 -17.33
C HIS B 253 -15.14 9.15 -18.37
N PHE B 254 -15.56 8.96 -19.61
CA PHE B 254 -14.72 8.42 -20.68
C PHE B 254 -14.65 9.39 -21.85
N PRO B 255 -13.72 10.35 -21.81
CA PRO B 255 -13.53 11.24 -22.95
C PRO B 255 -12.98 10.51 -24.16
N GLU B 256 -13.42 10.95 -25.34
CA GLU B 256 -12.84 10.50 -26.61
C GLU B 256 -13.00 9.01 -26.84
N CYS B 257 -14.10 8.44 -26.35
CA CYS B 257 -14.59 7.11 -26.71
C CYS B 257 -15.82 7.34 -27.56
N GLU B 258 -15.67 7.24 -28.89
CA GLU B 258 -16.67 7.77 -29.81
C GLU B 258 -18.02 7.09 -29.62
N SER B 259 -18.06 5.76 -29.70
CA SER B 259 -19.32 5.03 -29.67
C SER B 259 -19.58 4.33 -28.34
N LEU B 260 -18.86 4.68 -27.28
CA LEU B 260 -19.00 3.95 -26.03
C LEU B 260 -20.40 4.09 -25.45
N LYS B 261 -20.91 2.99 -24.91
CA LYS B 261 -22.16 2.95 -24.17
C LYS B 261 -21.98 2.09 -22.93
N VAL B 262 -22.84 2.31 -21.93
CA VAL B 262 -22.80 1.58 -20.68
C VAL B 262 -24.13 0.84 -20.50
N HIS B 263 -24.05 -0.41 -20.06
CA HIS B 263 -25.22 -1.28 -19.89
C HIS B 263 -25.30 -1.70 -18.43
N PRO B 264 -25.94 -0.90 -17.57
CA PRO B 264 -26.04 -1.28 -16.15
C PRO B 264 -26.70 -2.64 -15.91
N GLU B 265 -27.69 -3.00 -16.74
CA GLU B 265 -28.44 -4.22 -16.51
C GLU B 265 -27.63 -5.50 -16.75
N LEU B 266 -26.52 -5.43 -17.47
CA LEU B 266 -25.67 -6.59 -17.71
C LEU B 266 -24.42 -6.55 -16.85
N HIS B 267 -24.02 -7.71 -16.33
CA HIS B 267 -22.79 -7.81 -15.56
C HIS B 267 -22.24 -9.23 -15.66
N VAL B 268 -20.93 -9.35 -15.48
CA VAL B 268 -20.28 -10.66 -15.42
C VAL B 268 -20.39 -11.21 -14.01
N GLU B 269 -20.65 -12.51 -13.90
CA GLU B 269 -20.90 -13.11 -12.60
C GLU B 269 -19.69 -12.96 -11.68
N PRO B 270 -19.90 -12.65 -10.41
CA PRO B 270 -18.77 -12.55 -9.47
C PRO B 270 -18.26 -13.91 -9.04
N VAL B 271 -17.03 -13.91 -8.53
CA VAL B 271 -16.37 -15.10 -8.02
C VAL B 271 -16.42 -15.06 -6.50
N THR B 272 -16.96 -16.11 -5.89
CA THR B 272 -17.12 -16.20 -4.44
C THR B 272 -15.88 -16.81 -3.81
N ASN B 273 -15.42 -16.20 -2.72
CA ASN B 273 -14.21 -16.65 -2.02
C ASN B 273 -14.38 -16.48 -0.51
N ASP B 274 -13.60 -17.26 0.23
CA ASP B 274 -13.54 -17.20 1.68
C ASP B 274 -12.17 -16.67 2.08
N ARG B 275 -12.13 -15.49 2.68
CA ARG B 275 -10.84 -14.91 3.02
C ARG B 275 -10.98 -13.96 4.21
N ALA B 276 -9.98 -14.00 5.10
CA ALA B 276 -9.85 -13.07 6.22
C ALA B 276 -11.10 -13.02 7.08
N GLY B 277 -11.77 -14.16 7.23
CA GLY B 277 -12.94 -14.23 8.08
C GLY B 277 -14.23 -13.81 7.42
N VAL B 278 -14.28 -13.75 6.09
CA VAL B 278 -15.46 -13.32 5.36
C VAL B 278 -15.92 -14.48 4.50
N LYS B 279 -17.18 -14.90 4.68
CA LYS B 279 -17.77 -15.97 3.90
C LYS B 279 -18.36 -15.40 2.61
N GLY B 280 -17.91 -15.94 1.48
CA GLY B 280 -18.42 -15.55 0.18
C GLY B 280 -18.15 -14.12 -0.21
N ARG B 281 -16.89 -13.70 -0.08
CA ARG B 281 -16.49 -12.39 -0.57
C ARG B 281 -16.64 -12.32 -2.08
N SER B 282 -17.30 -11.26 -2.55
CA SER B 282 -17.56 -11.10 -3.97
C SER B 282 -16.35 -10.47 -4.67
N TYR B 283 -15.87 -11.14 -5.71
CA TYR B 283 -14.72 -10.70 -6.48
C TYR B 283 -15.10 -10.54 -7.96
N GLY B 284 -14.47 -9.57 -8.60
CA GLY B 284 -14.51 -9.49 -10.06
C GLY B 284 -15.89 -9.46 -10.67
N GLN B 285 -16.81 -8.68 -10.09
CA GLN B 285 -18.08 -8.39 -10.74
C GLN B 285 -17.90 -7.20 -11.69
N HIS B 286 -18.02 -7.44 -12.98
CA HIS B 286 -17.74 -6.39 -13.95
C HIS B 286 -19.02 -5.92 -14.62
N THR B 287 -19.05 -4.64 -14.98
CA THR B 287 -20.10 -4.07 -15.80
C THR B 287 -19.69 -4.16 -17.26
N VAL B 288 -20.64 -4.50 -18.12
CA VAL B 288 -20.34 -4.70 -19.53
C VAL B 288 -20.49 -3.38 -20.27
N TYR B 289 -19.47 -3.02 -21.03
CA TYR B 289 -19.45 -1.82 -21.86
C TYR B 289 -19.38 -2.24 -23.32
N SER B 290 -19.78 -1.33 -24.21
CA SER B 290 -19.78 -1.62 -25.63
C SER B 290 -19.16 -0.49 -26.46
N LEU B 291 -18.63 -0.88 -27.61
CA LEU B 291 -18.08 0.03 -28.61
C LEU B 291 -18.59 -0.40 -29.98
N LEU B 292 -18.61 0.52 -30.94
CA LEU B 292 -19.08 0.18 -32.27
C LEU B 292 -18.12 -0.81 -32.93
N ARG B 293 -18.69 -1.85 -33.53
CA ARG B 293 -17.91 -2.95 -34.10
C ARG B 293 -17.41 -2.63 -35.51
N ASP B 299 -24.84 -1.12 -36.91
CA ASP B 299 -24.88 -0.60 -35.54
C ASP B 299 -24.45 -1.67 -34.54
N ALA B 300 -23.95 -2.79 -35.07
CA ALA B 300 -23.48 -3.86 -34.20
C ALA B 300 -22.29 -3.39 -33.38
N ARG B 301 -22.24 -3.82 -32.13
CA ARG B 301 -21.26 -3.33 -31.16
C ARG B 301 -20.38 -4.46 -30.62
N VAL B 302 -19.38 -4.06 -29.85
CA VAL B 302 -18.47 -4.99 -29.19
C VAL B 302 -18.62 -4.83 -27.69
N PHE B 303 -19.08 -5.88 -27.01
CA PHE B 303 -19.27 -5.86 -25.58
C PHE B 303 -18.05 -6.46 -24.90
N PHE B 304 -17.61 -5.83 -23.81
CA PHE B 304 -16.46 -6.33 -23.07
C PHE B 304 -16.58 -5.91 -21.62
N PRO B 305 -16.04 -6.70 -20.69
CA PRO B 305 -15.98 -6.25 -19.29
C PRO B 305 -14.72 -5.45 -19.02
N MET B 306 -14.88 -4.27 -18.43
CA MET B 306 -13.76 -3.40 -18.15
C MET B 306 -14.01 -2.67 -16.84
N GLU B 307 -12.93 -2.41 -16.12
CA GLU B 307 -13.00 -1.66 -14.88
C GLU B 307 -11.69 -0.92 -14.66
N TRP B 308 -11.73 0.05 -13.75
CA TRP B 308 -10.54 0.83 -13.43
C TRP B 308 -9.68 0.10 -12.42
N ALA B 309 -8.38 0.37 -12.48
CA ALA B 309 -7.43 -0.24 -11.56
C ALA B 309 -7.63 0.39 -10.19
N THR B 310 -8.32 -0.31 -9.30
CA THR B 310 -8.83 0.27 -8.07
C THR B 310 -7.77 0.68 -7.04
N PRO B 311 -6.54 0.15 -7.06
CA PRO B 311 -5.53 0.73 -6.15
C PRO B 311 -5.15 2.15 -6.52
N ILE B 312 -5.28 2.54 -7.80
CA ILE B 312 -4.95 3.90 -8.22
C ILE B 312 -5.78 4.93 -7.46
N SER B 313 -7.09 4.69 -7.34
CA SER B 313 -7.94 5.59 -6.59
C SER B 313 -7.52 5.66 -5.12
N THR B 314 -7.16 4.52 -4.54
CA THR B 314 -6.76 4.49 -3.13
C THR B 314 -5.42 5.18 -2.91
N VAL B 315 -4.44 4.93 -3.79
CA VAL B 315 -3.14 5.56 -3.63
C VAL B 315 -3.27 7.06 -3.76
N LYS B 316 -4.18 7.52 -4.62
CA LYS B 316 -4.47 8.95 -4.74
C LYS B 316 -4.94 9.54 -3.42
N SER B 317 -5.67 8.77 -2.62
CA SER B 317 -6.17 9.24 -1.32
C SER B 317 -5.06 9.39 -0.29
N MET B 318 -3.85 8.95 -0.58
CA MET B 318 -2.73 9.11 0.35
C MET B 318 -2.12 10.50 0.30
N ASN B 319 -2.58 11.35 -0.63
CA ASN B 319 -2.11 12.73 -0.75
C ASN B 319 -0.59 12.77 -0.89
N LEU B 320 -0.10 12.05 -1.88
CA LEU B 320 1.33 12.09 -2.19
C LEU B 320 1.63 13.33 -3.02
N GLU B 321 2.90 13.76 -2.98
CA GLU B 321 3.32 14.84 -3.85
C GLU B 321 3.15 14.41 -5.30
N ASP B 322 2.76 15.37 -6.14
CA ASP B 322 2.30 15.06 -7.50
C ASP B 322 3.31 14.21 -8.27
N SER B 323 4.59 14.57 -8.20
CA SER B 323 5.59 13.78 -8.92
C SER B 323 5.75 12.40 -8.30
N MET B 324 5.61 12.27 -6.98
CA MET B 324 5.68 10.97 -6.35
C MET B 324 4.48 10.10 -6.71
N LEU B 325 3.31 10.70 -6.87
CA LEU B 325 2.14 9.93 -7.32
C LEU B 325 2.35 9.40 -8.73
N ARG B 326 2.89 10.23 -9.61
CA ARG B 326 3.20 9.77 -10.96
C ARG B 326 4.27 8.70 -10.95
N VAL B 327 5.23 8.79 -10.02
CA VAL B 327 6.28 7.79 -9.91
C VAL B 327 5.71 6.44 -9.51
N GLN B 328 4.83 6.44 -8.51
CA GLN B 328 4.28 5.18 -8.01
C GLN B 328 3.35 4.55 -9.04
N LEU B 329 2.52 5.37 -9.70
CA LEU B 329 1.66 4.84 -10.75
C LEU B 329 2.48 4.32 -11.92
N LYS B 330 3.64 4.91 -12.17
CA LYS B 330 4.55 4.39 -13.19
C LYS B 330 5.11 3.04 -12.78
N ALA B 331 5.44 2.88 -11.50
CA ALA B 331 5.87 1.58 -10.99
C ALA B 331 4.71 0.58 -10.99
N PHE B 332 3.49 1.06 -10.74
CA PHE B 332 2.33 0.17 -10.71
C PHE B 332 2.11 -0.49 -12.07
N CYS B 333 2.10 0.32 -13.14
CA CYS B 333 1.91 -0.24 -14.47
C CYS B 333 3.11 -1.08 -14.92
N ALA B 334 4.33 -0.71 -14.51
CA ALA B 334 5.51 -1.46 -14.93
C ALA B 334 5.51 -2.88 -14.36
N ARG B 335 5.14 -3.02 -13.09
CA ARG B 335 5.06 -4.33 -12.45
C ARG B 335 3.81 -5.09 -12.86
N PHE B 336 2.71 -4.39 -13.10
CA PHE B 336 1.47 -5.03 -13.50
C PHE B 336 1.65 -5.76 -14.84
N ASP B 337 2.31 -5.11 -15.80
CA ASP B 337 2.59 -5.76 -17.08
C ASP B 337 3.56 -6.93 -16.90
N GLN B 338 4.53 -6.79 -16.01
CA GLN B 338 5.49 -7.88 -15.79
C GLN B 338 4.80 -9.11 -15.21
N LEU B 339 3.90 -8.91 -14.24
CA LEU B 339 3.13 -10.03 -13.72
C LEU B 339 2.25 -10.64 -14.79
N VAL B 340 1.72 -9.81 -15.69
CA VAL B 340 0.90 -10.32 -16.79
C VAL B 340 1.76 -11.15 -17.74
N SER B 341 2.98 -10.71 -18.01
CA SER B 341 3.83 -11.43 -18.96
C SER B 341 4.16 -12.82 -18.46
N GLN B 342 4.37 -12.97 -17.14
CA GLN B 342 4.68 -14.27 -16.56
C GLN B 342 3.43 -15.13 -16.37
N SER B 343 2.24 -14.59 -16.59
CA SER B 343 1.02 -15.37 -16.46
C SER B 343 1.02 -16.57 -17.38
N GLN B 344 0.65 -17.72 -16.82
CA GLN B 344 0.58 -18.98 -17.53
C GLN B 344 -0.87 -19.47 -17.55
N ASN B 345 -1.29 -20.02 -18.68
CA ASN B 345 -2.63 -20.60 -18.90
C ASN B 345 -3.73 -19.56 -18.88
N HIS B 346 -3.39 -18.27 -18.85
CA HIS B 346 -4.34 -17.16 -18.88
C HIS B 346 -3.88 -16.11 -19.89
N SER B 347 -3.64 -16.58 -21.11
CA SER B 347 -3.04 -15.74 -22.15
C SER B 347 -4.08 -14.80 -22.72
N HIS B 348 -3.81 -13.49 -22.61
CA HIS B 348 -4.64 -12.42 -23.16
C HIS B 348 -5.96 -12.24 -22.42
N GLU B 349 -6.08 -12.71 -21.18
CA GLU B 349 -7.31 -12.50 -20.43
C GLU B 349 -7.33 -11.18 -19.68
N ILE B 350 -6.17 -10.62 -19.35
CA ILE B 350 -6.06 -9.33 -18.66
C ILE B 350 -5.29 -8.39 -19.56
N LYS B 351 -5.88 -7.23 -19.86
CA LYS B 351 -5.22 -6.20 -20.65
C LYS B 351 -5.26 -4.89 -19.88
N LEU B 352 -4.09 -4.31 -19.66
CA LEU B 352 -3.98 -3.06 -18.93
C LEU B 352 -3.95 -1.92 -19.94
N VAL B 353 -4.95 -1.05 -19.89
CA VAL B 353 -5.04 0.09 -20.80
C VAL B 353 -4.37 1.26 -20.10
N LYS B 354 -3.21 1.66 -20.60
CA LYS B 354 -2.40 2.70 -19.99
C LYS B 354 -2.59 4.02 -20.74
N GLY B 355 -2.82 5.08 -19.98
CA GLY B 355 -2.95 6.41 -20.56
C GLY B 355 -2.31 7.44 -19.68
N LEU B 356 -1.77 8.48 -20.31
CA LEU B 356 -1.11 9.56 -19.58
C LEU B 356 -2.12 10.42 -18.83
N SER B 357 -3.33 10.57 -19.37
CA SER B 357 -4.42 11.28 -18.71
C SER B 357 -5.68 10.46 -18.87
N ARG B 358 -6.78 10.93 -18.28
CA ARG B 358 -8.05 10.21 -18.42
C ARG B 358 -8.52 10.22 -19.86
N GLY B 359 -8.38 11.36 -20.54
CA GLY B 359 -8.74 11.43 -21.95
C GLY B 359 -7.92 10.50 -22.81
N ASP B 360 -6.61 10.44 -22.55
CA ASP B 360 -5.74 9.53 -23.29
C ASP B 360 -6.18 8.08 -23.13
N VAL B 361 -6.70 7.72 -21.96
CA VAL B 361 -7.21 6.37 -21.76
C VAL B 361 -8.40 6.12 -22.69
N GLY B 362 -9.26 7.13 -22.85
CA GLY B 362 -10.40 6.98 -23.74
C GLY B 362 -9.99 6.66 -25.16
N ARG B 363 -8.95 7.33 -25.66
CA ARG B 363 -8.47 6.98 -27.00
C ARG B 363 -7.72 5.66 -26.96
N ALA B 364 -7.08 5.33 -25.84
CA ALA B 364 -6.38 4.05 -25.72
C ALA B 364 -7.35 2.89 -25.65
N ILE B 365 -8.55 3.11 -25.12
CA ILE B 365 -9.54 2.03 -25.05
C ILE B 365 -9.94 1.59 -26.45
N ILE B 366 -10.14 2.55 -27.37
CA ILE B 366 -10.61 2.23 -28.71
C ILE B 366 -9.64 1.30 -29.43
N ASP B 367 -8.36 1.67 -29.45
CA ASP B 367 -7.36 0.81 -30.08
C ASP B 367 -7.19 -0.51 -29.32
N ALA B 368 -7.31 -0.48 -28.00
CA ALA B 368 -7.17 -1.71 -27.21
C ALA B 368 -8.21 -2.74 -27.64
N VAL B 369 -9.46 -2.30 -27.79
CA VAL B 369 -10.53 -3.22 -28.18
C VAL B 369 -10.33 -3.68 -29.62
N ARG B 370 -9.87 -2.79 -30.50
CA ARG B 370 -9.62 -3.17 -31.88
C ARG B 370 -8.55 -4.26 -31.97
N GLU B 371 -7.50 -4.15 -31.17
CA GLU B 371 -6.42 -5.13 -31.22
C GLU B 371 -6.86 -6.47 -30.63
N GLU B 372 -7.80 -6.46 -29.69
CA GLU B 372 -8.29 -7.72 -29.14
C GLU B 372 -9.21 -8.42 -30.13
N GLN B 373 -10.00 -7.63 -30.88
CA GLN B 373 -10.85 -8.20 -31.93
C GLN B 373 -10.01 -8.89 -33.00
N ASN B 374 -8.93 -8.23 -33.44
CA ASN B 374 -8.11 -8.75 -34.54
C ASN B 374 -7.50 -10.11 -34.20
N ARG B 375 -7.10 -10.31 -32.95
CA ARG B 375 -6.53 -11.60 -32.56
C ARG B 375 -7.57 -12.72 -32.70
N LEU B 376 -8.82 -12.42 -32.36
CA LEU B 376 -9.87 -13.44 -32.41
C LEU B 376 -10.38 -13.63 -33.83
N GLN B 377 -10.64 -12.53 -34.54
CA GLN B 377 -11.13 -12.61 -35.91
C GLN B 377 -10.02 -13.01 -36.87
C2 1SY C . -13.50 -7.85 1.93
C2 1SY C . -12.36 -5.06 -8.35
N01 1SY C . -15.50 -7.14 -1.01
N01 1SY C . -14.41 -7.35 -6.44
C6 1SY C . -14.53 -7.02 -0.01
C6 1SY C . -13.33 -6.57 -6.83
N1 1SY C . -14.41 -7.95 0.99
N1 1SY C . -13.37 -5.81 -7.97
N3 1SY C . -12.65 -6.84 1.98
N3 1SY C . -11.25 -4.99 -7.64
C4 1SY C . -12.68 -5.84 1.04
C4 1SY C . -11.09 -5.70 -6.48
C5 1SY C . -13.63 -5.91 0.02
C5 1SY C . -12.14 -6.50 -6.02
N7 1SY C . -13.44 -4.80 -0.78
N7 1SY C . -11.71 -7.09 -4.86
C8 1SY C . -12.42 -4.09 -0.26
C8 1SY C . -10.46 -6.65 -4.60
N9 1SY C . -11.95 -4.68 0.81
N9 1SY C . -10.07 -5.82 -5.55
C1' 1SY C . -10.90 -4.23 1.60
C1' 1SY C . -8.86 -5.16 -5.65
C2' 1SY C . -9.68 -5.10 1.48
C2' 1SY C . -9.12 -3.78 -5.11
O2' 1SY C . -8.89 -4.90 2.64
O2' 1SY C . -8.62 -2.76 -5.97
C3' 1SY C . -8.97 -4.52 0.34
C3' 1SY C . -8.44 -3.80 -3.79
C4' 1SY C . -9.10 -3.10 0.62
C4' 1SY C . -7.32 -4.68 -3.98
C16 1SY C . -8.94 -2.28 -0.64
C16 1SY C . -6.83 -5.24 -2.65
O17 1SY C . -9.93 -2.71 -1.62
O17 1SY C . -7.95 -5.92 -2.01
P18 1SY C . -9.81 -2.02 -3.08
P18 1SY C . -7.73 -6.63 -0.57
O19 1SY C . -9.18 -0.66 -2.78
O19 1SY C . -6.40 -6.09 -0.04
O20 1SY C . -8.78 -2.75 -4.02
O20 1SY C . -8.81 -6.17 0.50
C21 1SY C . -8.45 -4.14 -3.80
C21 1SY C . -9.52 -4.95 0.25
C22 1SY C . -7.03 -4.24 -3.50
C22 1SY C . -8.65 -3.81 0.53
O23 1SY C . -6.32 -3.18 -4.14
O23 1SY C . -7.78 -4.14 1.62
C24 1SY C . -6.60 -5.52 -4.01
C24 1SY C . -9.53 -2.75 0.93
C25 1SY C . -6.77 -6.57 -2.96
C25 1SY C . -10.08 -2.07 -0.27
O26 1SY C . -6.25 -6.03 -1.71
O26 1SY C . -8.99 -1.53 -1.05
P27 1SY C . -7.12 -6.28 -0.37
P27 1SY C . -9.16 -1.56 -2.66
O28 1SY C . -7.57 -4.92 0.37
O28 1SY C . -8.05 -2.45 -3.42
O29 1SY C . -8.21 -7.28 -0.55
O29 1SY C . -10.56 -1.80 -3.09
O30 1SY C . -6.15 -6.94 0.61
O30 1SY C . -8.88 -0.12 -3.11
O31 1SY C . -7.46 -5.84 -5.16
O31 1SY C . -10.61 -3.40 1.69
C32 1SY C . -8.62 -4.90 -5.07
C32 1SY C . -10.64 -4.81 1.23
N33 1SY C . -9.82 -5.59 -5.10
N33 1SY C . -11.84 -5.07 0.61
C34 1SY C . -10.27 -6.42 -4.18
C34 1SY C . -12.40 -4.38 -0.36
N35 1SY C . -11.48 -6.91 -4.56
N35 1SY C . -13.59 -4.93 -0.71
C36 1SY C . -10.76 -5.53 -6.14
C36 1SY C . -12.70 -6.14 0.93
C37 1SY C . -11.82 -6.35 -5.77
C37 1SY C . -13.79 -6.03 0.08
C38 1SY C . -12.99 -6.51 -6.68
C38 1SY C . -14.90 -7.03 0.16
N39 1SY C . -13.04 -5.79 -7.93
N39 1SY C . -14.83 -8.09 1.11
C40 1SY C . -11.95 -4.92 -8.30
C40 1SY C . -13.68 -8.20 1.99
N41 1SY C . -11.98 -4.19 -9.55
N41 1SY C . -13.61 -9.28 2.95
N42 1SY C . -10.81 -4.78 -7.42
N42 1SY C . -12.62 -7.24 1.91
O43 1SY C . -13.89 -7.23 -6.39
O43 1SY C . -15.83 -6.93 -0.58
O44 1SY C . -11.11 -1.71 -3.70
O44 1SY C . -7.54 -8.10 -0.63
O4' 1SY C . -10.46 -2.93 1.12
O4' 1SY C . -7.84 -5.76 -4.81
#